data_7WBM
#
_entry.id   7WBM
#
_cell.length_a   116.968
_cell.length_b   92.747
_cell.length_c   109.223
_cell.angle_alpha   90.00
_cell.angle_beta   105.94
_cell.angle_gamma   90.00
#
_symmetry.space_group_name_H-M   'C 1 2 1'
#
loop_
_entity.id
_entity.type
_entity.pdbx_description
1 polymer Lpg0081
2 non-polymer '[(2R,3S,4R,5R)-5-(6-AMINOPURIN-9-YL)-3,4-DIHYDROXY-OXOLAN-2-YL]METHYL [HYDROXY-[[(2R,3S,4R,5S)-3,4,5-TRIHYDROXYOXOLAN-2-YL]METHOXY]PHOSPHORYL] HYDROGEN PHOSPHATE'
3 water water
#
_entity_poly.entity_id   1
_entity_poly.type   'polypeptide(L)'
_entity_poly.pdbx_seq_one_letter_code
;MKAIPPKIWFETQLKGSGLDKKFQIDELIETQSSVRVFANKKYLPDTETINEALTKVTAVNVSGDKSGYFQNGLPFPNEA
GYFEKIPVGHPELLSPIERLTGSKKIVSSHSLVTASGGYPLTNPLLPYRKPIRVSIFSLAGPSFENNYLHYRLFLLDSVQ
KIIDSPLFSHLHDGLPIQFDEAKKELGEYDTNKLMARIRLGFPYLARFSSGGFYPSFSKSNAIIFLSEAYFRYQLEDVSL
LLASVNQTGKETGKAALLKATAVGMGFFAKIDCGYDIQHIIFPYYLRAYKKLLSEHKFPWIAKIEFPIFNEIQQEQFDSI
FEDYDGPTKVYRSTRDVLEFREEEIEKYLPAAINPSDAFALTGNEWGYGSVESMIGNNSSIRFDQVHHMNPLILDPSHHV
EAQINKDHGVELTVN
;
_entity_poly.pdbx_strand_id   A,B
#
loop_
_chem_comp.id
_chem_comp.type
_chem_comp.name
_chem_comp.formula
AR6 non-polymer '[(2R,3S,4R,5R)-5-(6-AMINOPURIN-9-YL)-3,4-DIHYDROXY-OXOLAN-2-YL]METHYL [HYDROXY-[[(2R,3S,4R,5S)-3,4,5-TRIHYDROXYOXOLAN-2-YL]METHOXY]PHOSPHORYL] HYDROGEN PHOSPHATE' 'C15 H23 N5 O14 P2'
#
# COMPACT_ATOMS: atom_id res chain seq x y z
N MET A 1 -7.75 -26.44 8.29
CA MET A 1 -6.95 -25.22 8.22
C MET A 1 -5.53 -25.49 8.75
N LYS A 2 -4.54 -25.28 7.88
CA LYS A 2 -3.14 -25.63 8.14
C LYS A 2 -2.31 -24.39 8.45
N ALA A 3 -1.48 -24.47 9.49
CA ALA A 3 -0.60 -23.35 9.87
C ALA A 3 0.52 -23.15 8.87
N ILE A 4 0.58 -21.97 8.25
CA ILE A 4 1.65 -21.69 7.27
C ILE A 4 2.76 -20.89 7.94
N PRO A 5 4.00 -20.97 7.45
CA PRO A 5 5.15 -20.33 8.14
C PRO A 5 5.01 -18.82 8.24
N PRO A 6 5.25 -18.26 9.44
CA PRO A 6 5.02 -16.81 9.69
C PRO A 6 5.55 -15.84 8.63
N LYS A 7 6.82 -15.97 8.24
CA LYS A 7 7.38 -15.09 7.21
C LYS A 7 6.63 -15.23 5.88
N ILE A 8 6.26 -16.46 5.49
CA ILE A 8 5.52 -16.63 4.24
C ILE A 8 4.11 -16.06 4.38
N TRP A 9 3.47 -16.29 5.53
CA TRP A 9 2.15 -15.71 5.78
C TRP A 9 2.20 -14.19 5.62
N PHE A 10 3.19 -13.53 6.24
CA PHE A 10 3.24 -12.08 6.14
C PHE A 10 3.40 -11.66 4.68
N GLU A 11 4.37 -12.25 3.97
CA GLU A 11 4.60 -11.92 2.57
C GLU A 11 3.36 -12.18 1.72
N THR A 12 2.48 -13.08 2.16
CA THR A 12 1.25 -13.27 1.42
C THR A 12 0.31 -12.08 1.62
N GLN A 13 0.14 -11.61 2.87
CA GLN A 13 -0.73 -10.46 3.10
C GLN A 13 -0.23 -9.23 2.34
N LEU A 14 1.09 -9.08 2.23
CA LEU A 14 1.68 -7.96 1.50
C LEU A 14 1.33 -8.00 0.02
N LYS A 15 1.30 -9.19 -0.60
CA LYS A 15 0.95 -9.25 -2.01
C LYS A 15 -0.55 -9.11 -2.24
N GLY A 16 -1.36 -9.68 -1.34
CA GLY A 16 -2.79 -9.50 -1.41
C GLY A 16 -3.22 -8.07 -1.16
N SER A 17 -2.49 -7.35 -0.32
CA SER A 17 -2.77 -5.94 -0.04
C SER A 17 -2.37 -5.04 -1.20
N GLY A 18 -1.40 -5.45 -2.00
CA GLY A 18 -0.79 -4.57 -2.97
C GLY A 18 0.27 -3.67 -2.40
N LEU A 19 0.69 -3.90 -1.15
CA LEU A 19 1.72 -3.07 -0.54
C LEU A 19 3.11 -3.41 -1.09
N ASP A 20 3.31 -4.67 -1.50
CA ASP A 20 4.54 -5.07 -2.18
C ASP A 20 4.84 -4.20 -3.40
N LYS A 21 3.81 -3.60 -3.99
CA LYS A 21 3.90 -2.86 -5.24
C LYS A 21 3.89 -1.34 -5.06
N LYS A 22 4.03 -0.83 -3.84
CA LYS A 22 3.82 0.60 -3.59
C LYS A 22 5.12 1.37 -3.45
N PHE A 23 6.24 0.68 -3.29
CA PHE A 23 7.54 1.30 -3.05
C PHE A 23 8.59 0.56 -3.88
N GLN A 24 9.72 1.23 -4.14
CA GLN A 24 10.82 0.62 -4.88
C GLN A 24 11.87 0.10 -3.90
N ILE A 25 12.68 -0.85 -4.37
CA ILE A 25 13.62 -1.51 -3.47
C ILE A 25 14.65 -0.51 -2.93
N ASP A 26 15.09 0.43 -3.78
CA ASP A 26 16.13 1.38 -3.38
C ASP A 26 15.70 2.24 -2.20
N GLU A 27 14.43 2.63 -2.16
CA GLU A 27 13.96 3.45 -1.04
C GLU A 27 13.82 2.59 0.22
N LEU A 28 13.18 1.42 0.09
CA LEU A 28 12.97 0.57 1.25
C LEU A 28 14.27 0.19 1.93
N ILE A 29 15.38 0.14 1.19
CA ILE A 29 16.66 -0.03 1.87
C ILE A 29 16.87 1.10 2.86
N GLU A 30 16.52 2.34 2.46
CA GLU A 30 16.73 3.47 3.35
C GLU A 30 15.79 3.41 4.53
N THR A 31 14.49 3.28 4.27
CA THR A 31 13.50 3.27 5.35
C THR A 31 13.74 2.11 6.29
N GLN A 32 14.00 0.91 5.76
CA GLN A 32 14.27 -0.21 6.66
C GLN A 32 15.53 0.03 7.47
N SER A 33 16.53 0.65 6.86
CA SER A 33 17.75 1.00 7.58
C SER A 33 17.48 1.97 8.71
N SER A 34 16.48 2.85 8.57
CA SER A 34 16.31 3.89 9.57
C SER A 34 15.63 3.40 10.84
N VAL A 35 15.18 2.15 10.86
CA VAL A 35 14.45 1.63 12.01
C VAL A 35 15.30 1.78 13.28
N ARG A 36 14.62 2.09 14.38
CA ARG A 36 15.24 2.17 15.69
C ARG A 36 14.23 1.67 16.71
N VAL A 37 14.73 1.13 17.81
CA VAL A 37 13.89 0.62 18.91
C VAL A 37 14.38 1.28 20.18
N PHE A 38 13.65 2.30 20.65
CA PHE A 38 13.97 3.00 21.89
C PHE A 38 13.32 2.22 23.04
N ALA A 39 14.13 1.57 23.85
CA ALA A 39 13.65 0.68 24.89
C ALA A 39 13.94 1.27 26.26
N ASN A 40 12.96 1.20 27.16
CA ASN A 40 13.16 1.70 28.52
C ASN A 40 13.94 0.64 29.29
N LYS A 41 15.12 1.02 29.82
CA LYS A 41 15.97 0.08 30.56
C LYS A 41 15.21 -0.65 31.64
N LYS A 42 14.43 0.09 32.44
CA LYS A 42 13.80 -0.46 33.62
C LYS A 42 12.96 -1.69 33.31
N TYR A 43 12.42 -1.78 32.10
CA TYR A 43 11.53 -2.88 31.72
C TYR A 43 12.12 -3.77 30.63
N LEU A 44 12.84 -3.21 29.69
CA LEU A 44 13.46 -3.99 28.65
C LEU A 44 14.98 -3.87 28.81
N PRO A 45 15.55 -4.66 29.72
CA PRO A 45 16.96 -4.50 30.11
C PRO A 45 17.96 -5.08 29.11
N ASP A 46 17.65 -6.22 28.48
CA ASP A 46 18.54 -6.96 27.59
C ASP A 46 18.12 -6.85 26.13
N THR A 47 19.06 -7.17 25.25
CA THR A 47 18.74 -7.37 23.85
C THR A 47 17.78 -8.55 23.69
N GLU A 48 17.86 -9.52 24.59
CA GLU A 48 16.95 -10.66 24.49
C GLU A 48 15.53 -10.25 24.88
N THR A 49 15.39 -9.49 25.97
CA THR A 49 14.08 -8.97 26.36
C THR A 49 13.44 -8.17 25.23
N ILE A 50 14.23 -7.30 24.59
CA ILE A 50 13.68 -6.44 23.54
C ILE A 50 13.19 -7.28 22.37
N ASN A 51 14.05 -8.15 21.85
CA ASN A 51 13.68 -8.93 20.68
C ASN A 51 12.49 -9.85 20.98
N GLU A 52 12.30 -10.24 22.23
CA GLU A 52 11.11 -11.02 22.56
C GLU A 52 9.85 -10.18 22.47
N ALA A 53 9.86 -9.00 23.08
CA ALA A 53 8.73 -8.08 22.95
C ALA A 53 8.39 -7.78 21.50
N LEU A 54 9.40 -7.75 20.61
CA LEU A 54 9.11 -7.40 19.21
C LEU A 54 8.53 -8.55 18.41
N THR A 55 8.57 -9.76 18.93
CA THR A 55 8.36 -10.91 18.05
C THR A 55 7.32 -11.88 18.58
N LYS A 56 7.15 -11.97 19.91
CA LYS A 56 6.27 -12.98 20.50
C LYS A 56 4.82 -12.50 20.56
N VAL A 57 4.27 -12.20 19.39
CA VAL A 57 3.02 -11.47 19.28
C VAL A 57 2.09 -12.15 18.27
N THR A 58 0.82 -11.79 18.33
CA THR A 58 -0.10 -12.25 17.30
C THR A 58 0.11 -11.43 16.05
N ALA A 59 -0.44 -11.88 14.93
CA ALA A 59 -0.34 -11.04 13.75
C ALA A 59 -1.40 -9.95 13.78
N VAL A 60 -2.65 -10.32 14.08
CA VAL A 60 -3.80 -9.41 14.07
C VAL A 60 -4.57 -9.62 15.36
N ASN A 61 -4.98 -8.53 16.00
CA ASN A 61 -5.62 -8.59 17.31
C ASN A 61 -6.51 -7.37 17.49
N VAL A 62 -7.80 -7.57 17.70
CA VAL A 62 -8.70 -6.49 18.07
C VAL A 62 -9.60 -6.97 19.18
N SER A 63 -10.37 -6.03 19.72
CA SER A 63 -11.34 -6.33 20.75
C SER A 63 -10.66 -7.02 21.92
N GLY A 64 -9.45 -6.57 22.23
CA GLY A 64 -8.81 -7.00 23.46
C GLY A 64 -8.61 -8.49 23.55
N ASP A 65 -8.19 -9.13 22.45
CA ASP A 65 -7.87 -10.55 22.29
C ASP A 65 -9.06 -11.40 21.86
N LYS A 66 -10.22 -10.81 21.61
CA LYS A 66 -11.37 -11.62 21.24
C LYS A 66 -11.27 -12.13 19.81
N SER A 67 -10.62 -11.39 18.93
CA SER A 67 -10.61 -11.76 17.52
C SER A 67 -9.29 -11.36 16.89
N GLY A 68 -8.81 -12.18 15.95
CA GLY A 68 -7.54 -11.94 15.31
C GLY A 68 -6.90 -13.25 14.85
N TYR A 69 -5.65 -13.12 14.38
CA TYR A 69 -4.90 -14.22 13.81
C TYR A 69 -3.52 -14.28 14.44
N PHE A 70 -2.99 -15.49 14.63
CA PHE A 70 -1.59 -15.67 15.02
C PHE A 70 -0.69 -15.46 13.80
N GLN A 71 0.62 -15.38 14.04
CA GLN A 71 1.55 -15.16 12.93
C GLN A 71 1.53 -16.31 11.92
N ASN A 72 1.24 -17.54 12.35
CA ASN A 72 1.16 -18.65 11.41
C ASN A 72 -0.11 -18.63 10.56
N GLY A 73 -1.01 -17.66 10.80
CA GLY A 73 -2.22 -17.51 10.02
C GLY A 73 -3.48 -18.10 10.63
N LEU A 74 -3.34 -18.88 11.71
CA LEU A 74 -4.50 -19.55 12.28
C LEU A 74 -5.30 -18.58 13.15
N PRO A 75 -6.61 -18.74 13.20
CA PRO A 75 -7.45 -17.81 13.98
C PRO A 75 -7.33 -18.03 15.48
N PHE A 76 -7.72 -17.02 16.24
CA PHE A 76 -7.73 -17.16 17.70
C PHE A 76 -8.70 -18.26 18.11
N PRO A 77 -8.38 -19.03 19.15
CA PRO A 77 -9.32 -20.05 19.65
C PRO A 77 -10.64 -19.47 20.10
N ASN A 78 -11.58 -20.36 20.39
CA ASN A 78 -12.87 -19.96 20.94
C ASN A 78 -12.93 -20.10 22.46
N GLU A 79 -11.95 -20.74 23.09
CA GLU A 79 -11.86 -20.66 24.54
C GLU A 79 -11.53 -19.22 24.92
N ALA A 80 -12.49 -18.53 25.55
CA ALA A 80 -12.20 -17.29 26.24
C ALA A 80 -11.10 -17.49 27.28
N GLY A 81 -10.45 -16.40 27.68
CA GLY A 81 -9.39 -16.49 28.67
C GLY A 81 -8.11 -17.15 28.21
N TYR A 82 -8.00 -17.58 26.94
CA TYR A 82 -6.74 -18.15 26.47
C TYR A 82 -5.55 -17.23 26.72
N PHE A 83 -5.65 -15.97 26.28
CA PHE A 83 -4.50 -15.07 26.40
C PHE A 83 -4.30 -14.59 27.82
N GLU A 84 -5.36 -14.53 28.63
CA GLU A 84 -5.18 -14.26 30.04
C GLU A 84 -4.29 -15.32 30.69
N LYS A 85 -4.28 -16.54 30.13
CA LYS A 85 -3.62 -17.68 30.72
C LYS A 85 -2.29 -18.00 30.05
N ILE A 86 -1.83 -17.17 29.14
CA ILE A 86 -0.49 -17.30 28.58
C ILE A 86 0.50 -17.08 29.72
N PRO A 87 1.42 -18.00 30.00
CA PRO A 87 2.37 -17.81 31.09
C PRO A 87 3.63 -17.10 30.63
N VAL A 88 4.31 -16.48 31.59
CA VAL A 88 5.62 -15.91 31.32
C VAL A 88 6.53 -17.03 30.85
N GLY A 89 7.20 -16.81 29.73
CA GLY A 89 8.05 -17.85 29.19
C GLY A 89 7.38 -18.75 28.19
N HIS A 90 6.14 -18.49 27.84
CA HIS A 90 5.49 -19.22 26.75
C HIS A 90 6.39 -19.21 25.52
N PRO A 91 6.48 -20.31 24.77
CA PRO A 91 7.46 -20.36 23.67
C PRO A 91 7.25 -19.30 22.60
N GLU A 92 6.04 -18.79 22.45
CA GLU A 92 5.70 -17.98 21.28
C GLU A 92 4.95 -16.69 21.57
N LEU A 93 4.37 -16.52 22.75
CA LEU A 93 3.45 -15.43 23.01
C LEU A 93 3.79 -14.74 24.32
N LEU A 94 3.53 -13.43 24.38
CA LEU A 94 3.74 -12.69 25.62
C LEU A 94 2.58 -12.92 26.58
N SER A 95 2.92 -13.07 27.85
CA SER A 95 1.97 -13.07 28.92
C SER A 95 1.37 -11.68 29.08
N PRO A 96 0.27 -11.54 29.84
CA PRO A 96 -0.18 -10.18 30.21
C PRO A 96 0.91 -9.28 30.78
N ILE A 97 1.65 -9.71 31.81
CA ILE A 97 2.67 -8.84 32.42
C ILE A 97 3.78 -8.51 31.40
N GLU A 98 4.13 -9.46 30.53
CA GLU A 98 5.13 -9.14 29.51
C GLU A 98 4.58 -8.17 28.48
N ARG A 99 3.26 -8.18 28.28
CA ARG A 99 2.63 -7.19 27.42
C ARG A 99 2.62 -5.81 28.07
N LEU A 100 2.51 -5.74 29.41
CA LEU A 100 2.63 -4.43 30.06
C LEU A 100 4.05 -3.90 29.94
N THR A 101 5.05 -4.72 30.28
CA THR A 101 6.43 -4.25 30.18
C THR A 101 6.85 -4.06 28.72
N GLY A 102 6.46 -4.96 27.84
CA GLY A 102 6.74 -4.78 26.42
C GLY A 102 6.18 -3.51 25.84
N SER A 103 5.21 -2.89 26.53
CA SER A 103 4.66 -1.61 26.09
C SER A 103 5.66 -0.46 26.23
N LYS A 104 6.71 -0.62 27.03
CA LYS A 104 7.61 0.49 27.38
C LYS A 104 8.76 0.60 26.39
N LYS A 105 8.43 0.58 25.11
CA LYS A 105 9.38 0.74 24.04
C LYS A 105 8.71 1.59 22.96
N ILE A 106 9.52 2.18 22.11
CA ILE A 106 9.01 2.90 20.95
C ILE A 106 9.83 2.49 19.75
N VAL A 107 9.15 2.08 18.67
CA VAL A 107 9.80 1.68 17.44
C VAL A 107 9.53 2.77 16.41
N SER A 108 10.60 3.35 15.91
CA SER A 108 10.48 4.42 14.93
C SER A 108 11.10 3.96 13.61
N SER A 109 10.66 4.62 12.54
CA SER A 109 11.33 4.49 11.25
C SER A 109 10.97 5.69 10.39
N HIS A 110 11.93 6.14 9.58
CA HIS A 110 11.68 7.24 8.63
C HIS A 110 11.07 6.62 7.37
N SER A 111 9.76 6.39 7.45
CA SER A 111 8.99 5.57 6.52
C SER A 111 8.42 6.38 5.36
N LEU A 112 8.35 5.76 4.19
CA LEU A 112 7.64 6.38 3.07
C LEU A 112 6.15 6.44 3.37
N VAL A 113 5.48 7.51 2.93
CA VAL A 113 4.04 7.67 3.10
C VAL A 113 3.42 8.04 1.75
N THR A 114 2.42 7.26 1.32
CA THR A 114 1.80 7.45 0.00
C THR A 114 0.41 8.07 0.04
N ALA A 115 -0.26 8.09 1.20
CA ALA A 115 -1.56 8.76 1.28
C ALA A 115 -1.79 9.21 2.72
N SER A 116 -2.81 10.04 2.91
CA SER A 116 -3.31 10.34 4.25
C SER A 116 -4.80 10.09 4.32
N GLY A 117 -5.28 9.74 5.51
CA GLY A 117 -6.69 9.43 5.69
C GLY A 117 -7.04 7.98 5.41
N GLY A 118 -8.34 7.70 5.48
CA GLY A 118 -8.89 6.37 5.32
C GLY A 118 -9.58 5.85 6.56
N TYR A 119 -9.30 6.42 7.74
CA TYR A 119 -9.98 6.02 8.98
C TYR A 119 -10.21 7.23 9.88
N PRO A 120 -11.42 7.41 10.41
CA PRO A 120 -12.60 6.58 10.11
C PRO A 120 -13.25 6.82 8.72
N LEU A 121 -14.43 6.22 8.52
CA LEU A 121 -15.05 6.16 7.19
C LEU A 121 -15.31 7.56 6.65
N THR A 122 -15.53 8.52 7.55
CA THR A 122 -15.79 9.91 7.20
C THR A 122 -14.53 10.66 6.81
N ASN A 123 -13.34 10.06 6.95
CA ASN A 123 -12.07 10.76 6.72
C ASN A 123 -11.47 10.27 5.41
N PRO A 124 -11.67 11.01 4.31
CA PRO A 124 -11.36 10.47 2.97
C PRO A 124 -9.88 10.17 2.75
N LEU A 125 -9.62 9.03 2.10
CA LEU A 125 -8.27 8.64 1.72
C LEU A 125 -7.74 9.57 0.62
N LEU A 126 -6.59 10.20 0.86
CA LEU A 126 -6.02 11.21 -0.05
C LEU A 126 -4.62 10.85 -0.51
N PRO A 127 -4.41 10.48 -1.77
CA PRO A 127 -3.06 10.13 -2.22
C PRO A 127 -2.15 11.35 -2.28
N TYR A 128 -0.89 11.16 -1.91
CA TYR A 128 0.12 12.20 -2.06
C TYR A 128 0.58 12.25 -3.50
N ARG A 129 0.72 13.46 -4.05
CA ARG A 129 1.18 13.57 -5.44
C ARG A 129 2.50 12.84 -5.61
N LYS A 130 3.45 13.09 -4.72
CA LYS A 130 4.67 12.30 -4.60
C LYS A 130 4.79 11.77 -3.19
N PRO A 131 5.21 10.52 -3.01
CA PRO A 131 5.34 9.97 -1.65
C PRO A 131 6.30 10.78 -0.78
N ILE A 132 5.86 11.10 0.43
CA ILE A 132 6.70 11.80 1.40
C ILE A 132 7.26 10.79 2.38
N ARG A 133 8.12 11.26 3.28
CA ARG A 133 8.67 10.40 4.32
C ARG A 133 8.36 11.03 5.66
N VAL A 134 7.79 10.24 6.57
CA VAL A 134 7.41 10.70 7.91
C VAL A 134 8.07 9.79 8.93
N SER A 135 8.61 10.37 10.00
CA SER A 135 9.17 9.56 11.07
C SER A 135 8.03 9.08 11.96
N ILE A 136 7.69 7.81 11.81
CA ILE A 136 6.53 7.21 12.45
C ILE A 136 7.01 6.48 13.70
N PHE A 137 6.50 6.89 14.86
CA PHE A 137 6.91 6.36 16.17
C PHE A 137 5.80 5.51 16.77
N SER A 138 6.01 4.20 16.82
CA SER A 138 4.94 3.29 17.25
C SER A 138 5.00 3.14 18.77
N LEU A 139 3.91 3.51 19.42
CA LEU A 139 3.79 3.42 20.86
C LEU A 139 2.43 2.79 21.18
N ALA A 140 2.44 1.83 22.10
CA ALA A 140 1.24 1.12 22.50
C ALA A 140 0.79 1.75 23.81
N GLY A 141 -0.34 2.48 23.78
CA GLY A 141 -0.82 3.10 24.99
C GLY A 141 -1.36 2.05 25.93
N PRO A 142 -1.70 2.44 27.15
CA PRO A 142 -2.46 1.52 28.00
C PRO A 142 -3.68 1.02 27.25
N SER A 143 -3.98 -0.27 27.42
CA SER A 143 -5.24 -0.81 26.94
C SER A 143 -6.14 -1.15 28.11
N PHE A 144 -7.41 -0.78 27.99
CA PHE A 144 -8.45 -1.20 28.92
C PHE A 144 -9.49 -2.10 28.24
N GLU A 145 -9.20 -2.63 27.05
CA GLU A 145 -10.20 -3.42 26.32
C GLU A 145 -10.56 -4.70 27.05
N ASN A 146 -9.66 -5.24 27.86
CA ASN A 146 -9.99 -6.41 28.68
C ASN A 146 -9.59 -6.12 30.12
N ASN A 147 -9.76 -7.13 30.98
CA ASN A 147 -9.53 -6.94 32.40
C ASN A 147 -8.16 -7.38 32.87
N TYR A 148 -7.29 -7.86 31.99
CA TYR A 148 -6.00 -8.37 32.45
C TYR A 148 -4.79 -7.62 31.89
N LEU A 149 -4.99 -6.47 31.24
CA LEU A 149 -3.87 -5.64 30.86
C LEU A 149 -3.79 -4.47 31.82
N HIS A 150 -3.84 -3.24 31.32
CA HIS A 150 -3.59 -2.08 32.18
C HIS A 150 -4.72 -1.80 33.15
N TYR A 151 -5.86 -2.46 33.01
CA TYR A 151 -6.86 -2.44 34.07
C TYR A 151 -6.26 -2.80 35.42
N ARG A 152 -5.45 -3.88 35.45
CA ARG A 152 -4.86 -4.34 36.72
C ARG A 152 -3.80 -3.39 37.27
N LEU A 153 -3.45 -2.30 36.57
CA LEU A 153 -2.54 -1.31 37.12
C LEU A 153 -3.27 -0.12 37.73
N PHE A 154 -4.40 0.27 37.14
CA PHE A 154 -4.99 1.57 37.39
C PHE A 154 -6.40 1.53 37.96
N LEU A 155 -6.99 0.35 38.18
CA LEU A 155 -8.35 0.27 38.68
C LEU A 155 -8.43 -0.66 39.88
N LEU A 156 -9.23 -0.25 40.87
CA LEU A 156 -9.54 -1.07 42.03
C LEU A 156 -11.02 -1.41 42.03
N ASP A 157 -11.33 -2.70 42.17
CA ASP A 157 -12.70 -3.18 42.23
C ASP A 157 -12.74 -4.34 43.23
N SER A 158 -13.92 -4.84 43.54
CA SER A 158 -13.99 -5.92 44.49
C SER A 158 -13.73 -7.32 43.90
N VAL A 159 -13.47 -7.46 42.60
CA VAL A 159 -13.10 -8.77 42.07
C VAL A 159 -11.62 -9.03 42.29
N GLN A 160 -10.77 -8.17 41.73
CA GLN A 160 -9.34 -8.12 42.06
C GLN A 160 -9.21 -6.97 43.05
N LYS A 161 -9.39 -7.27 44.33
CA LYS A 161 -9.57 -6.18 45.28
C LYS A 161 -8.30 -5.40 45.55
N ILE A 162 -7.11 -5.92 45.22
CA ILE A 162 -5.95 -5.05 45.24
C ILE A 162 -4.99 -5.46 44.12
N ILE A 163 -4.04 -4.57 43.83
CA ILE A 163 -3.34 -4.56 42.54
C ILE A 163 -2.37 -5.73 42.43
N ASP A 164 -1.35 -5.78 43.30
CA ASP A 164 -0.43 -6.92 43.33
C ASP A 164 0.43 -6.93 42.07
N SER A 165 1.46 -6.08 41.98
CA SER A 165 2.21 -5.95 40.74
C SER A 165 3.63 -5.45 40.97
N PRO A 166 4.58 -6.36 41.15
CA PRO A 166 5.99 -5.95 41.25
C PRO A 166 6.48 -5.46 39.89
N LEU A 167 7.59 -4.72 39.92
CA LEU A 167 8.24 -4.12 38.76
C LEU A 167 7.44 -2.90 38.25
N PHE A 168 6.23 -2.69 38.75
CA PHE A 168 5.48 -1.46 38.56
C PHE A 168 5.21 -0.79 39.91
N SER A 169 5.91 -1.24 40.96
CA SER A 169 5.71 -0.69 42.31
C SER A 169 5.79 0.83 42.33
N HIS A 170 6.79 1.40 41.63
CA HIS A 170 7.05 2.83 41.71
C HIS A 170 5.83 3.66 41.32
N LEU A 171 4.98 3.13 40.43
CA LEU A 171 3.77 3.85 40.07
C LEU A 171 2.82 4.08 41.24
N HIS A 172 2.91 3.27 42.30
CA HIS A 172 1.97 3.38 43.41
C HIS A 172 2.59 3.92 44.69
N ASP A 173 3.88 4.24 44.67
CA ASP A 173 4.59 4.73 45.86
C ASP A 173 3.91 5.94 46.48
N GLY A 174 3.18 5.72 47.58
CA GLY A 174 2.42 6.76 48.24
C GLY A 174 0.93 6.65 48.02
N LEU A 175 0.52 5.85 47.05
CA LEU A 175 -0.87 5.67 46.67
C LEU A 175 -1.42 4.43 47.36
N PRO A 176 -2.73 4.35 47.55
CA PRO A 176 -3.29 3.13 48.15
C PRO A 176 -3.28 1.98 47.17
N ILE A 177 -3.30 0.78 47.74
CA ILE A 177 -3.11 -0.43 46.97
C ILE A 177 -4.26 -1.41 47.14
N GLN A 178 -5.06 -1.30 48.18
CA GLN A 178 -6.19 -2.20 48.40
C GLN A 178 -7.52 -1.48 48.25
N PHE A 179 -8.54 -2.23 47.83
CA PHE A 179 -9.82 -1.64 47.44
C PHE A 179 -10.53 -1.04 48.65
N ASP A 180 -10.72 -1.85 49.71
CA ASP A 180 -11.53 -1.38 50.82
C ASP A 180 -10.78 -0.38 51.70
N GLU A 181 -9.44 -0.46 51.75
CA GLU A 181 -8.68 0.64 52.30
C GLU A 181 -8.80 1.89 51.43
N ALA A 182 -8.85 1.69 50.11
CA ALA A 182 -9.08 2.81 49.19
C ALA A 182 -10.45 3.43 49.41
N LYS A 183 -11.48 2.60 49.56
CA LYS A 183 -12.80 3.10 49.93
C LYS A 183 -12.72 4.04 51.11
N LYS A 184 -12.02 3.62 52.17
CA LYS A 184 -12.09 4.35 53.43
C LYS A 184 -11.25 5.62 53.41
N GLU A 185 -10.12 5.63 52.71
CA GLU A 185 -9.37 6.89 52.61
C GLU A 185 -10.16 7.91 51.83
N LEU A 186 -10.98 7.47 50.86
CA LEU A 186 -11.86 8.41 50.18
C LEU A 186 -13.07 8.72 51.06
N GLY A 187 -13.60 7.72 51.75
CA GLY A 187 -14.63 7.98 52.73
C GLY A 187 -15.92 8.46 52.10
N GLU A 188 -16.26 9.71 52.39
CA GLU A 188 -17.46 10.35 51.90
C GLU A 188 -17.29 10.98 50.52
N TYR A 189 -16.08 10.95 49.94
CA TYR A 189 -15.77 11.77 48.77
C TYR A 189 -15.44 10.92 47.55
N ASP A 190 -15.66 11.51 46.37
CA ASP A 190 -15.54 10.79 45.10
C ASP A 190 -14.18 10.95 44.44
N THR A 191 -13.47 12.04 44.72
CA THR A 191 -12.16 12.26 44.13
C THR A 191 -11.29 12.84 45.22
N ASN A 192 -10.02 12.48 45.16
CA ASN A 192 -9.02 13.14 45.97
C ASN A 192 -7.82 13.38 45.08
N LYS A 193 -6.66 13.53 45.70
CA LYS A 193 -5.53 14.01 44.97
C LYS A 193 -4.75 12.88 44.31
N LEU A 194 -5.21 11.62 44.48
CA LEU A 194 -4.54 10.47 43.94
C LEU A 194 -5.45 9.48 43.26
N MET A 195 -6.77 9.61 43.38
CA MET A 195 -7.68 8.63 42.82
C MET A 195 -9.08 9.25 42.77
N ALA A 196 -9.93 8.66 41.94
CA ALA A 196 -11.30 9.13 41.78
C ALA A 196 -12.18 8.00 41.28
N ARG A 197 -13.44 8.02 41.70
CA ARG A 197 -14.43 7.13 41.11
C ARG A 197 -14.76 7.59 39.70
N ILE A 198 -15.34 6.70 38.92
CA ILE A 198 -15.65 6.97 37.51
C ILE A 198 -17.15 7.09 37.32
N ARG A 199 -17.56 8.15 36.62
CA ARG A 199 -18.95 8.31 36.21
C ARG A 199 -19.01 8.77 34.76
N LEU A 200 -19.61 7.96 33.89
CA LEU A 200 -19.83 8.30 32.48
C LEU A 200 -21.17 9.02 32.37
N GLY A 201 -21.15 10.34 32.47
CA GLY A 201 -22.39 11.11 32.61
C GLY A 201 -22.77 11.31 34.08
N PHE A 202 -23.91 10.76 34.49
CA PHE A 202 -24.28 10.92 35.89
C PHE A 202 -24.01 9.70 36.79
N PRO A 203 -24.41 8.47 36.43
CA PRO A 203 -24.22 7.35 37.36
C PRO A 203 -22.78 6.83 37.41
N TYR A 204 -22.48 6.07 38.46
CA TYR A 204 -21.16 5.52 38.71
C TYR A 204 -20.94 4.19 37.98
N LEU A 205 -19.66 3.87 37.75
CA LEU A 205 -19.26 2.59 37.19
C LEU A 205 -18.85 1.62 38.29
N ALA A 206 -19.51 0.47 38.32
CA ALA A 206 -19.29 -0.55 39.34
C ALA A 206 -19.12 -1.89 38.65
N ARG A 207 -18.50 -2.82 39.36
CA ARG A 207 -18.28 -4.17 38.87
C ARG A 207 -18.74 -5.16 39.91
N PHE A 208 -19.61 -6.09 39.51
CA PHE A 208 -19.99 -7.19 40.38
C PHE A 208 -18.77 -8.07 40.63
N SER A 209 -18.59 -8.52 41.87
CA SER A 209 -17.52 -9.48 42.11
C SER A 209 -17.80 -10.77 41.32
N SER A 210 -19.01 -10.94 40.74
CA SER A 210 -19.17 -11.89 39.64
C SER A 210 -18.17 -11.69 38.53
N GLY A 211 -17.94 -10.43 38.17
CA GLY A 211 -17.35 -10.13 36.89
C GLY A 211 -18.50 -9.53 36.11
N GLY A 212 -18.26 -8.39 35.47
CA GLY A 212 -19.38 -7.74 34.82
C GLY A 212 -19.61 -6.37 35.45
N PHE A 213 -19.72 -5.37 34.58
CA PHE A 213 -19.90 -3.99 35.00
C PHE A 213 -21.37 -3.59 34.94
N TYR A 214 -21.73 -2.62 35.77
CA TYR A 214 -23.11 -2.14 35.86
C TYR A 214 -23.11 -0.76 36.50
N PRO A 215 -24.12 0.08 36.23
CA PRO A 215 -24.14 1.41 36.84
C PRO A 215 -24.83 1.44 38.19
N SER A 216 -24.05 1.41 39.26
CA SER A 216 -24.55 1.47 40.61
C SER A 216 -24.19 2.83 41.16
N PHE A 217 -24.81 3.20 42.27
CA PHE A 217 -24.53 4.50 42.83
C PHE A 217 -23.47 4.29 43.91
N SER A 218 -22.23 4.68 43.56
CA SER A 218 -21.00 4.54 44.33
C SER A 218 -21.09 3.72 45.62
N LYS A 219 -21.73 2.54 45.59
CA LYS A 219 -21.81 1.84 46.87
C LYS A 219 -20.51 1.03 47.02
N SER A 220 -20.59 -0.18 47.59
CA SER A 220 -19.40 -0.99 47.86
C SER A 220 -18.61 -1.36 46.58
N ASN A 221 -19.29 -1.55 45.45
CA ASN A 221 -18.63 -2.08 44.25
C ASN A 221 -18.32 -1.02 43.20
N ALA A 222 -18.28 0.25 43.58
CA ALA A 222 -17.84 1.29 42.65
C ALA A 222 -16.33 1.19 42.45
N ILE A 223 -15.89 1.21 41.18
CA ILE A 223 -14.46 1.14 40.89
C ILE A 223 -13.82 2.51 41.11
N ILE A 224 -12.54 2.47 41.48
CA ILE A 224 -11.74 3.65 41.77
C ILE A 224 -10.57 3.68 40.79
N PHE A 225 -10.38 4.81 40.13
CA PHE A 225 -9.32 4.97 39.14
C PHE A 225 -8.11 5.60 39.83
N LEU A 226 -6.96 4.93 39.72
CA LEU A 226 -5.73 5.39 40.36
C LEU A 226 -5.08 6.48 39.50
N SER A 227 -5.64 7.69 39.60
CA SER A 227 -5.22 8.83 38.77
C SER A 227 -3.71 9.03 38.79
N GLU A 228 -3.11 9.08 39.99
CA GLU A 228 -1.70 9.43 40.05
C GLU A 228 -0.84 8.34 39.44
N ALA A 229 -1.22 7.07 39.62
CA ALA A 229 -0.47 5.99 39.00
C ALA A 229 -0.49 6.13 37.48
N TYR A 230 -1.67 6.36 36.92
CA TYR A 230 -1.80 6.58 35.48
C TYR A 230 -0.93 7.74 35.00
N PHE A 231 -0.97 8.86 35.72
CA PHE A 231 -0.16 10.00 35.32
C PHE A 231 1.33 9.67 35.35
N ARG A 232 1.77 8.91 36.36
CA ARG A 232 3.17 8.53 36.43
C ARG A 232 3.54 7.63 35.26
N TYR A 233 2.61 6.73 34.90
CA TYR A 233 2.80 5.87 33.74
C TYR A 233 2.92 6.70 32.46
N GLN A 234 2.03 7.71 32.30
CA GLN A 234 2.09 8.54 31.10
C GLN A 234 3.42 9.29 31.01
N LEU A 235 3.88 9.86 32.14
CA LEU A 235 5.15 10.57 32.13
C LEU A 235 6.28 9.70 31.61
N GLU A 236 6.26 8.39 31.94
CA GLU A 236 7.22 7.46 31.36
C GLU A 236 7.05 7.32 29.85
N ASP A 237 5.80 7.11 29.40
CA ASP A 237 5.56 6.97 27.97
C ASP A 237 5.93 8.24 27.23
N VAL A 238 5.50 9.40 27.74
CA VAL A 238 5.69 10.64 27.02
C VAL A 238 7.15 11.07 27.06
N SER A 239 7.82 10.90 28.20
CA SER A 239 9.27 11.11 28.30
C SER A 239 10.02 10.36 27.20
N LEU A 240 9.84 9.03 27.17
CA LEU A 240 10.47 8.22 26.14
C LEU A 240 10.18 8.77 24.74
N LEU A 241 8.95 9.19 24.49
CA LEU A 241 8.57 9.61 23.15
C LEU A 241 9.26 10.90 22.76
N LEU A 242 9.20 11.91 23.63
CA LEU A 242 9.84 13.18 23.35
C LEU A 242 11.34 13.00 23.14
N ALA A 243 11.98 12.23 24.02
CA ALA A 243 13.41 11.92 23.84
C ALA A 243 13.66 11.24 22.50
N SER A 244 12.91 10.19 22.20
CA SER A 244 13.08 9.51 20.92
C SER A 244 12.98 10.50 19.76
N VAL A 245 11.93 11.32 19.76
CA VAL A 245 11.71 12.22 18.63
C VAL A 245 12.81 13.26 18.56
N ASN A 246 13.19 13.81 19.71
CA ASN A 246 14.29 14.76 19.77
C ASN A 246 15.56 14.16 19.18
N GLN A 247 15.92 12.96 19.64
CA GLN A 247 17.16 12.35 19.17
C GLN A 247 17.12 12.10 17.67
N THR A 248 15.94 11.82 17.12
CA THR A 248 15.82 11.60 15.70
C THR A 248 15.94 12.92 14.93
N GLY A 249 15.33 13.98 15.47
CA GLY A 249 15.55 15.31 14.92
C GLY A 249 17.02 15.69 14.87
N LYS A 250 17.71 15.49 15.99
CA LYS A 250 19.13 15.81 16.06
C LYS A 250 19.91 15.02 15.01
N GLU A 251 19.75 13.69 15.01
CA GLU A 251 20.50 12.87 14.06
C GLU A 251 20.23 13.22 12.60
N THR A 252 19.09 13.85 12.29
CA THR A 252 18.81 14.27 10.91
C THR A 252 19.07 15.76 10.70
N GLY A 253 19.51 16.46 11.74
CA GLY A 253 19.63 17.92 11.70
C GLY A 253 18.41 18.68 11.21
N LYS A 254 17.22 18.30 11.69
CA LYS A 254 16.01 19.09 11.45
C LYS A 254 15.12 19.00 12.69
N ALA A 255 14.41 20.07 12.97
CA ALA A 255 13.48 20.04 14.09
C ALA A 255 12.17 19.36 13.66
N ALA A 256 11.60 18.58 14.56
CA ALA A 256 10.41 17.79 14.27
C ALA A 256 9.13 18.62 14.37
N LEU A 257 8.20 18.39 13.45
CA LEU A 257 6.78 18.71 13.64
C LEU A 257 6.14 17.39 14.03
N LEU A 258 5.82 17.24 15.31
CA LEU A 258 5.37 15.95 15.84
C LEU A 258 3.85 15.92 15.90
N LYS A 259 3.25 15.00 15.16
CA LYS A 259 1.82 14.71 15.27
C LYS A 259 1.60 13.83 16.51
N ALA A 260 1.10 14.42 17.59
CA ALA A 260 0.91 13.69 18.86
C ALA A 260 -0.47 13.06 18.88
N THR A 261 -0.62 12.01 18.08
CA THR A 261 -1.83 11.20 18.08
C THR A 261 -2.35 10.95 19.50
N ALA A 262 -3.67 10.85 19.65
CA ALA A 262 -4.24 10.57 20.96
C ALA A 262 -4.14 9.07 21.25
N VAL A 263 -2.92 8.59 21.49
CA VAL A 263 -2.65 7.20 21.86
C VAL A 263 -3.56 6.80 23.01
N GLY A 264 -4.27 5.69 22.86
CA GLY A 264 -5.02 5.11 23.94
C GLY A 264 -6.43 5.61 24.10
N MET A 265 -6.86 6.58 23.30
CA MET A 265 -8.12 7.27 23.58
C MET A 265 -9.26 6.79 22.70
N GLY A 266 -9.01 5.75 21.90
CA GLY A 266 -9.98 5.16 21.01
C GLY A 266 -10.40 3.81 21.49
N PHE A 267 -9.95 2.75 20.81
CA PHE A 267 -10.34 1.40 21.20
C PHE A 267 -9.87 1.08 22.62
N PHE A 268 -8.62 1.38 22.92
CA PHE A 268 -8.04 1.07 24.22
C PHE A 268 -8.78 1.77 25.36
N ALA A 269 -9.57 2.80 25.09
CA ALA A 269 -10.22 3.56 26.15
C ALA A 269 -11.58 2.99 26.56
N LYS A 270 -12.05 1.94 25.91
CA LYS A 270 -13.38 1.39 26.15
C LYS A 270 -13.23 0.17 27.04
N ILE A 271 -13.54 0.34 28.33
CA ILE A 271 -13.53 -0.78 29.26
C ILE A 271 -14.53 -1.82 28.77
N ASP A 272 -14.12 -3.10 28.82
CA ASP A 272 -14.76 -4.15 28.03
C ASP A 272 -14.65 -3.63 26.59
N CYS A 273 -15.73 -3.40 25.89
CA CYS A 273 -15.66 -2.64 24.65
C CYS A 273 -16.87 -1.70 24.56
N GLY A 274 -17.39 -1.32 25.73
CA GLY A 274 -18.57 -0.49 25.77
C GLY A 274 -18.47 0.81 26.54
N TYR A 275 -17.70 0.85 27.63
CA TYR A 275 -17.78 1.95 28.59
C TYR A 275 -16.59 2.88 28.39
N ASP A 276 -16.82 3.96 27.65
CA ASP A 276 -15.76 4.88 27.24
C ASP A 276 -15.31 5.73 28.43
N ILE A 277 -14.02 5.63 28.77
CA ILE A 277 -13.44 6.44 29.84
C ILE A 277 -12.47 7.47 29.30
N GLN A 278 -12.40 7.63 27.97
CA GLN A 278 -11.56 8.63 27.31
C GLN A 278 -11.63 10.02 27.97
N HIS A 279 -12.84 10.48 28.29
CA HIS A 279 -13.04 11.79 28.90
C HIS A 279 -12.43 11.89 30.30
N ILE A 280 -12.02 10.77 30.90
CA ILE A 280 -11.42 10.78 32.22
C ILE A 280 -9.89 10.70 32.15
N ILE A 281 -9.35 9.91 31.21
CA ILE A 281 -7.91 9.73 31.17
C ILE A 281 -7.18 10.76 30.29
N PHE A 282 -7.83 11.31 29.28
CA PHE A 282 -7.16 12.24 28.36
C PHE A 282 -6.47 13.40 29.05
N PRO A 283 -7.05 14.05 30.09
CA PRO A 283 -6.29 15.12 30.77
C PRO A 283 -4.91 14.71 31.26
N TYR A 284 -4.76 13.52 31.84
CA TYR A 284 -3.43 13.09 32.28
C TYR A 284 -2.48 12.85 31.11
N TYR A 285 -2.99 12.37 29.97
CA TYR A 285 -2.14 12.29 28.78
C TYR A 285 -1.62 13.66 28.39
N LEU A 286 -2.49 14.68 28.42
CA LEU A 286 -2.06 16.04 28.06
C LEU A 286 -1.13 16.63 29.13
N ARG A 287 -1.46 16.46 30.41
CA ARG A 287 -0.62 17.01 31.46
C ARG A 287 0.78 16.40 31.42
N ALA A 288 0.92 15.15 30.98
CA ALA A 288 2.25 14.61 30.79
C ALA A 288 3.08 15.45 29.81
N TYR A 289 2.48 15.81 28.68
CA TYR A 289 3.17 16.71 27.74
C TYR A 289 3.44 18.06 28.39
N LYS A 290 2.41 18.66 29.00
CA LYS A 290 2.57 19.95 29.66
C LYS A 290 3.73 19.95 30.65
N LYS A 291 3.74 18.99 31.59
CA LYS A 291 4.79 18.99 32.60
C LYS A 291 6.17 18.85 31.96
N LEU A 292 6.35 17.82 31.12
CA LEU A 292 7.67 17.56 30.55
C LEU A 292 8.13 18.73 29.69
N LEU A 293 7.26 19.25 28.82
CA LEU A 293 7.67 20.36 27.95
C LEU A 293 8.01 21.61 28.77
N SER A 294 7.33 21.79 29.90
CA SER A 294 7.63 22.93 30.75
C SER A 294 8.97 22.77 31.44
N GLU A 295 9.42 21.53 31.62
CA GLU A 295 10.58 21.26 32.46
C GLU A 295 11.82 20.81 31.68
N HIS A 296 11.76 20.68 30.36
CA HIS A 296 12.91 20.15 29.62
C HIS A 296 13.06 20.82 28.28
N LYS A 297 14.31 20.89 27.81
CA LYS A 297 14.67 21.55 26.55
C LYS A 297 14.68 20.51 25.42
N PHE A 298 13.85 20.72 24.39
CA PHE A 298 13.82 19.85 23.22
C PHE A 298 14.13 20.70 21.99
N PRO A 299 15.41 21.00 21.77
CA PRO A 299 15.79 21.88 20.65
C PRO A 299 15.38 21.34 19.29
N TRP A 300 15.15 20.05 19.16
CA TRP A 300 14.85 19.41 17.89
C TRP A 300 13.36 19.10 17.72
N ILE A 301 12.52 19.56 18.62
CA ILE A 301 11.07 19.49 18.42
C ILE A 301 10.59 20.92 18.22
N ALA A 302 10.34 21.30 16.97
CA ALA A 302 9.78 22.61 16.67
C ALA A 302 8.38 22.75 17.24
N LYS A 303 7.45 21.91 16.79
CA LYS A 303 6.03 22.01 17.14
C LYS A 303 5.49 20.64 17.51
N ILE A 304 4.46 20.63 18.34
CA ILE A 304 3.67 19.43 18.60
C ILE A 304 2.22 19.76 18.29
N GLU A 305 1.69 19.12 17.25
CA GLU A 305 0.30 19.22 16.84
C GLU A 305 -0.48 18.04 17.42
N PHE A 306 -1.54 18.35 18.18
CA PHE A 306 -2.42 17.32 18.76
C PHE A 306 -3.66 17.17 17.91
N PRO A 307 -3.83 16.05 17.21
CA PRO A 307 -5.08 15.84 16.47
C PRO A 307 -6.21 15.50 17.43
N ILE A 308 -7.19 16.40 17.57
CA ILE A 308 -8.27 16.32 18.55
C ILE A 308 -9.58 16.63 17.84
N PHE A 309 -10.49 15.67 17.79
CA PHE A 309 -11.73 15.80 17.03
C PHE A 309 -12.98 15.84 17.88
N ASN A 310 -12.85 15.66 19.19
CA ASN A 310 -13.97 15.56 20.13
C ASN A 310 -14.09 16.84 20.94
N GLU A 311 -15.33 17.32 21.09
CA GLU A 311 -15.54 18.63 21.71
C GLU A 311 -15.02 18.67 23.16
N ILE A 312 -15.17 17.57 23.90
CA ILE A 312 -14.68 17.54 25.27
C ILE A 312 -13.16 17.69 25.29
N GLN A 313 -12.46 16.86 24.51
CA GLN A 313 -11.00 16.91 24.49
C GLN A 313 -10.51 18.27 24.01
N GLN A 314 -11.25 18.91 23.11
CA GLN A 314 -10.86 20.23 22.65
C GLN A 314 -10.91 21.23 23.79
N GLU A 315 -11.97 21.17 24.60
CA GLU A 315 -12.06 22.11 25.69
C GLU A 315 -11.13 21.73 26.81
N GLN A 316 -10.91 20.42 27.03
CA GLN A 316 -9.88 19.94 27.96
C GLN A 316 -8.49 20.42 27.55
N PHE A 317 -8.15 20.29 26.27
CA PHE A 317 -6.84 20.74 25.80
C PHE A 317 -6.65 22.24 26.05
N ASP A 318 -7.64 23.06 25.65
CA ASP A 318 -7.52 24.50 25.82
C ASP A 318 -7.41 24.87 27.30
N SER A 319 -8.12 24.15 28.17
CA SER A 319 -7.96 24.36 29.61
C SER A 319 -6.53 24.09 30.06
N ILE A 320 -6.01 22.92 29.72
CA ILE A 320 -4.76 22.46 30.29
C ILE A 320 -3.58 23.30 29.78
N PHE A 321 -3.71 23.89 28.60
CA PHE A 321 -2.61 24.61 27.99
C PHE A 321 -2.79 26.12 27.99
N GLU A 322 -3.94 26.64 28.44
CA GLU A 322 -4.13 28.07 28.65
C GLU A 322 -2.94 28.71 29.34
N ASP A 323 -2.42 27.99 30.33
CA ASP A 323 -1.40 28.40 31.28
C ASP A 323 0.03 28.18 30.79
N TYR A 324 0.22 27.56 29.63
CA TYR A 324 1.49 26.95 29.27
C TYR A 324 2.36 27.90 28.43
N ASP A 325 3.59 28.17 28.89
CA ASP A 325 4.50 29.01 28.12
C ASP A 325 5.89 28.35 28.01
N GLY A 326 5.93 27.02 27.96
CA GLY A 326 7.15 26.32 27.65
C GLY A 326 7.65 26.72 26.27
N PRO A 327 8.92 26.43 25.99
CA PRO A 327 9.49 26.86 24.69
C PRO A 327 8.88 26.14 23.50
N THR A 328 8.64 24.83 23.60
CA THR A 328 8.15 24.02 22.49
C THR A 328 6.73 24.45 22.09
N LYS A 329 6.53 24.84 20.83
CA LYS A 329 5.22 25.29 20.39
C LYS A 329 4.22 24.14 20.41
N VAL A 330 3.03 24.40 20.92
CA VAL A 330 2.02 23.37 21.13
C VAL A 330 0.69 23.88 20.61
N TYR A 331 -0.06 23.03 19.92
CA TYR A 331 -1.36 23.43 19.38
C TYR A 331 -2.10 22.19 18.90
N ARG A 332 -3.41 22.34 18.71
CA ARG A 332 -4.30 21.26 18.33
C ARG A 332 -4.92 21.53 16.96
N SER A 333 -5.35 20.45 16.31
CA SER A 333 -5.85 20.54 14.94
C SER A 333 -6.93 19.48 14.75
N THR A 334 -7.58 19.50 13.59
CA THR A 334 -8.43 18.38 13.20
C THR A 334 -7.92 17.79 11.90
N ARG A 335 -6.60 17.77 11.77
CA ARG A 335 -5.94 17.31 10.56
C ARG A 335 -5.48 15.87 10.77
N ASP A 336 -5.62 15.05 9.73
CA ASP A 336 -5.21 13.67 9.79
C ASP A 336 -3.74 13.54 10.21
N VAL A 337 -3.45 12.54 11.05
CA VAL A 337 -2.11 12.29 11.58
C VAL A 337 -1.05 12.35 10.47
N LEU A 338 -1.34 11.75 9.32
CA LEU A 338 -0.37 11.61 8.26
C LEU A 338 -0.39 12.75 7.25
N GLU A 339 -1.31 13.71 7.35
CA GLU A 339 -1.38 14.80 6.39
C GLU A 339 -0.40 15.92 6.78
N PHE A 340 0.57 16.21 5.91
CA PHE A 340 1.45 17.38 6.05
C PHE A 340 1.39 18.23 4.79
N ARG A 341 1.85 19.49 4.91
CA ARG A 341 2.05 20.32 3.75
C ARG A 341 3.50 20.31 3.30
N GLU A 342 3.69 20.61 1.99
CA GLU A 342 5.01 20.70 1.40
C GLU A 342 5.94 21.57 2.23
N GLU A 343 5.52 22.82 2.51
CA GLU A 343 6.26 23.74 3.35
C GLU A 343 6.65 23.11 4.69
N GLU A 344 5.75 22.32 5.29
CA GLU A 344 6.08 21.68 6.56
C GLU A 344 7.10 20.58 6.36
N ILE A 345 7.01 19.85 5.25
CA ILE A 345 7.94 18.76 5.00
C ILE A 345 9.34 19.28 4.69
N GLU A 346 9.44 20.49 4.09
CA GLU A 346 10.74 21.08 3.82
C GLU A 346 11.36 21.68 5.08
N LYS A 347 10.57 22.40 5.88
CA LYS A 347 11.14 23.04 7.06
C LYS A 347 11.52 22.02 8.14
N TYR A 348 10.66 21.02 8.40
CA TYR A 348 10.74 20.22 9.61
C TYR A 348 10.93 18.75 9.28
N LEU A 349 11.37 18.01 10.29
CA LEU A 349 11.16 16.56 10.32
C LEU A 349 9.68 16.25 10.52
N PRO A 350 8.99 15.64 9.56
CA PRO A 350 7.61 15.20 9.82
C PRO A 350 7.62 14.00 10.77
N ALA A 351 6.86 14.11 11.85
CA ALA A 351 6.84 13.06 12.84
C ALA A 351 5.41 12.77 13.25
N ALA A 352 5.13 11.51 13.57
CA ALA A 352 3.77 11.11 13.91
C ALA A 352 3.83 9.96 14.90
N ILE A 353 2.84 9.91 15.81
CA ILE A 353 2.70 8.77 16.69
C ILE A 353 1.83 7.73 15.99
N ASN A 354 2.32 6.49 15.94
CA ASN A 354 1.51 5.35 15.55
C ASN A 354 0.90 4.78 16.83
N PRO A 355 -0.40 4.96 17.10
CA PRO A 355 -1.00 4.32 18.29
C PRO A 355 -1.12 2.82 18.05
N SER A 356 -0.22 2.04 18.65
CA SER A 356 0.01 0.66 18.25
C SER A 356 -0.46 -0.34 19.32
N ASP A 357 -0.09 -1.61 19.10
CA ASP A 357 -0.42 -2.73 19.96
C ASP A 357 0.85 -3.44 20.35
N ALA A 358 1.04 -3.66 21.65
CA ALA A 358 2.24 -4.36 22.10
C ALA A 358 2.15 -5.87 21.90
N PHE A 359 1.04 -6.36 21.37
CA PHE A 359 0.81 -7.80 21.24
C PHE A 359 0.30 -8.14 19.84
N ALA A 360 0.52 -7.26 18.87
CA ALA A 360 0.32 -7.59 17.45
C ALA A 360 1.44 -6.99 16.62
N LEU A 361 1.61 -7.51 15.42
CA LEU A 361 2.65 -6.99 14.57
C LEU A 361 2.29 -5.58 14.16
N THR A 362 3.31 -4.74 13.96
CA THR A 362 3.08 -3.36 13.61
C THR A 362 2.24 -3.28 12.35
N GLY A 363 1.25 -2.39 12.34
CA GLY A 363 0.26 -2.35 11.29
C GLY A 363 -1.05 -3.01 11.66
N ASN A 364 -1.03 -4.08 12.48
CA ASN A 364 -2.20 -4.84 12.94
C ASN A 364 -3.17 -5.15 11.80
N GLU A 365 -4.44 -4.73 11.94
CA GLU A 365 -5.47 -5.07 10.96
C GLU A 365 -5.08 -4.64 9.54
N TRP A 366 -5.62 -5.36 8.56
CA TRP A 366 -5.26 -5.05 7.20
C TRP A 366 -6.33 -4.23 6.49
N GLY A 367 -7.49 -4.01 7.11
CA GLY A 367 -8.42 -3.01 6.65
C GLY A 367 -8.12 -1.65 7.27
N TYR A 368 -8.95 -0.67 6.93
CA TYR A 368 -8.84 0.63 7.57
C TYR A 368 -9.71 0.63 8.82
N GLY A 369 -9.29 -0.16 9.78
CA GLY A 369 -10.08 -0.36 10.97
C GLY A 369 -9.60 0.39 12.19
N SER A 370 -8.50 1.13 12.10
CA SER A 370 -7.96 1.82 13.26
C SER A 370 -6.94 2.81 12.73
N VAL A 371 -6.46 3.69 13.61
CA VAL A 371 -5.42 4.62 13.21
C VAL A 371 -4.16 3.86 12.79
N GLU A 372 -3.75 2.87 13.58
CA GLU A 372 -2.57 2.10 13.21
C GLU A 372 -2.75 1.40 11.86
N SER A 373 -3.85 0.65 11.69
CA SER A 373 -4.04 -0.05 10.44
C SER A 373 -4.07 0.93 9.27
N MET A 374 -4.70 2.09 9.46
CA MET A 374 -4.62 3.14 8.44
C MET A 374 -3.17 3.50 8.11
N ILE A 375 -2.35 3.77 9.14
CA ILE A 375 -0.92 3.98 8.90
C ILE A 375 -0.32 2.76 8.22
N GLY A 376 -0.70 1.56 8.70
CA GLY A 376 -0.25 0.34 8.08
C GLY A 376 -0.51 0.24 6.59
N ASN A 377 -1.51 0.96 6.08
CA ASN A 377 -1.82 0.91 4.67
C ASN A 377 -1.38 2.15 3.89
N ASN A 378 -1.07 3.25 4.58
CA ASN A 378 -0.60 4.46 3.91
C ASN A 378 0.91 4.64 3.95
N SER A 379 1.67 3.69 4.51
CA SER A 379 3.11 3.86 4.61
C SER A 379 3.81 2.52 4.49
N SER A 380 5.14 2.58 4.50
CA SER A 380 6.00 1.41 4.44
C SER A 380 6.25 0.80 5.82
N ILE A 381 5.42 1.10 6.80
CA ILE A 381 5.72 0.67 8.17
C ILE A 381 5.71 -0.84 8.29
N ARG A 382 4.84 -1.55 7.55
CA ARG A 382 4.86 -3.01 7.61
C ARG A 382 6.14 -3.59 7.03
N PHE A 383 6.85 -2.83 6.21
CA PHE A 383 8.19 -3.23 5.78
C PHE A 383 9.26 -2.82 6.78
N ASP A 384 9.08 -1.67 7.44
CA ASP A 384 10.14 -1.09 8.26
C ASP A 384 10.17 -1.62 9.68
N GLN A 385 8.99 -1.97 10.25
CA GLN A 385 8.86 -2.22 11.68
C GLN A 385 8.36 -3.63 11.98
N VAL A 386 8.45 -4.53 11.01
CA VAL A 386 8.09 -5.94 11.18
C VAL A 386 9.33 -6.78 10.91
N HIS A 387 9.73 -7.60 11.90
CA HIS A 387 10.95 -8.38 11.79
C HIS A 387 10.94 -9.32 10.59
N HIS A 388 9.77 -9.84 10.21
CA HIS A 388 9.65 -10.69 9.04
C HIS A 388 10.21 -10.05 7.76
N MET A 389 10.12 -8.73 7.63
CA MET A 389 10.64 -8.06 6.45
C MET A 389 11.93 -7.32 6.72
N ASN A 390 12.13 -6.87 7.94
CA ASN A 390 13.31 -6.07 8.29
C ASN A 390 13.93 -6.69 9.53
N PRO A 391 14.85 -7.63 9.35
CA PRO A 391 15.51 -8.23 10.52
C PRO A 391 16.43 -7.27 11.25
N LEU A 392 16.77 -6.11 10.66
CA LEU A 392 17.55 -5.13 11.41
C LEU A 392 16.90 -4.73 12.73
N ILE A 393 15.57 -4.90 12.85
CA ILE A 393 14.87 -4.54 14.07
C ILE A 393 15.33 -5.40 15.25
N LEU A 394 15.86 -6.60 14.97
CA LEU A 394 16.38 -7.44 16.03
C LEU A 394 17.88 -7.26 16.24
N ASP A 395 18.52 -6.45 15.41
CA ASP A 395 19.94 -6.15 15.51
C ASP A 395 20.18 -5.21 16.69
N PRO A 396 21.04 -5.57 17.65
CA PRO A 396 21.32 -4.66 18.78
C PRO A 396 21.92 -3.34 18.34
N SER A 397 22.58 -3.33 17.18
CA SER A 397 23.04 -2.08 16.61
C SER A 397 21.91 -1.07 16.48
N HIS A 398 20.69 -1.54 16.19
CA HIS A 398 19.54 -0.67 16.02
C HIS A 398 18.75 -0.43 17.31
N HIS A 399 19.26 -0.84 18.45
CA HIS A 399 18.54 -0.58 19.70
C HIS A 399 19.14 0.61 20.41
N VAL A 400 18.29 1.29 21.16
CA VAL A 400 18.66 2.47 21.95
C VAL A 400 18.16 2.27 23.37
N GLU A 401 19.06 2.20 24.32
CA GLU A 401 18.64 2.03 25.71
C GLU A 401 18.31 3.40 26.31
N ALA A 402 17.23 3.45 27.07
CA ALA A 402 16.73 4.69 27.63
C ALA A 402 16.65 4.56 29.14
N GLN A 403 17.24 5.50 29.86
CA GLN A 403 17.13 5.58 31.31
C GLN A 403 16.33 6.84 31.64
N ILE A 404 15.26 6.68 32.41
CA ILE A 404 14.40 7.79 32.78
C ILE A 404 14.68 8.12 34.24
N ASN A 405 15.20 9.32 34.47
CA ASN A 405 15.59 9.74 35.80
C ASN A 405 14.38 10.11 36.63
N LYS A 406 14.65 10.53 37.87
CA LYS A 406 13.57 10.97 38.73
C LYS A 406 13.05 12.34 38.31
N ASP A 407 13.91 13.16 37.70
CA ASP A 407 13.44 14.39 37.05
C ASP A 407 12.83 14.15 35.67
N HIS A 408 12.76 12.88 35.23
CA HIS A 408 12.22 12.47 33.93
C HIS A 408 13.07 12.95 32.76
N GLY A 409 14.31 13.34 32.99
CA GLY A 409 15.24 13.48 31.89
C GLY A 409 15.66 12.11 31.41
N VAL A 410 16.03 12.01 30.13
CA VAL A 410 16.28 10.70 29.55
C VAL A 410 17.64 10.67 28.88
N GLU A 411 18.46 9.69 29.28
CA GLU A 411 19.80 9.48 28.74
C GLU A 411 19.72 8.33 27.76
N LEU A 412 20.11 8.57 26.51
CA LEU A 412 20.02 7.58 25.46
C LEU A 412 21.39 7.03 25.17
N THR A 413 21.50 5.70 25.16
CA THR A 413 22.75 5.00 24.93
C THR A 413 22.62 4.11 23.70
N VAL A 414 23.40 4.40 22.67
CA VAL A 414 23.51 3.49 21.53
C VAL A 414 24.45 2.37 21.94
N ASN A 415 23.93 1.14 22.01
CA ASN A 415 24.72 -0.05 22.38
C ASN A 415 25.32 0.05 23.79
N MET B 1 22.15 18.42 -19.93
CA MET B 1 22.49 19.44 -20.91
C MET B 1 23.03 18.86 -22.22
N LYS B 2 23.72 17.72 -22.15
CA LYS B 2 24.45 17.18 -23.30
C LYS B 2 23.61 16.12 -24.00
N ALA B 3 23.22 16.41 -25.23
CA ALA B 3 22.44 15.48 -26.06
C ALA B 3 23.34 14.38 -26.62
N ILE B 4 23.06 13.13 -26.27
CA ILE B 4 23.83 11.97 -26.75
C ILE B 4 23.05 11.33 -27.90
N PRO B 5 23.70 10.70 -28.86
CA PRO B 5 22.97 10.03 -29.97
C PRO B 5 22.18 8.84 -29.47
N PRO B 6 20.92 8.70 -29.91
CA PRO B 6 20.03 7.65 -29.36
C PRO B 6 20.61 6.24 -29.27
N LYS B 7 21.12 5.69 -30.38
CA LYS B 7 21.64 4.32 -30.33
C LYS B 7 22.79 4.19 -29.33
N ILE B 8 23.70 5.17 -29.30
CA ILE B 8 24.83 5.09 -28.38
C ILE B 8 24.36 5.23 -26.94
N TRP B 9 23.38 6.10 -26.69
CA TRP B 9 22.79 6.16 -25.36
C TRP B 9 22.31 4.78 -24.93
N PHE B 10 21.58 4.09 -25.82
CA PHE B 10 21.03 2.77 -25.49
C PHE B 10 22.15 1.76 -25.23
N GLU B 11 23.16 1.70 -26.10
CA GLU B 11 24.26 0.76 -25.89
C GLU B 11 25.00 0.99 -24.58
N THR B 12 25.00 2.23 -24.06
CA THR B 12 25.67 2.49 -22.78
C THR B 12 24.90 1.90 -21.61
N GLN B 13 23.58 2.10 -21.57
CA GLN B 13 22.80 1.49 -20.50
C GLN B 13 22.89 -0.03 -20.56
N LEU B 14 23.01 -0.59 -21.77
CA LEU B 14 23.21 -2.03 -21.88
C LEU B 14 24.52 -2.47 -21.24
N LYS B 15 25.59 -1.68 -21.36
CA LYS B 15 26.81 -2.09 -20.68
C LYS B 15 26.75 -1.73 -19.19
N GLY B 16 26.12 -0.62 -18.83
CA GLY B 16 25.94 -0.29 -17.42
C GLY B 16 25.03 -1.27 -16.69
N SER B 17 23.98 -1.75 -17.35
CA SER B 17 23.08 -2.71 -16.73
C SER B 17 23.72 -4.08 -16.59
N GLY B 18 24.69 -4.39 -17.44
CA GLY B 18 25.24 -5.72 -17.51
C GLY B 18 24.48 -6.67 -18.40
N LEU B 19 23.58 -6.16 -19.24
CA LEU B 19 22.83 -7.03 -20.16
C LEU B 19 23.66 -7.44 -21.36
N ASP B 20 24.60 -6.58 -21.79
CA ASP B 20 25.55 -6.94 -22.83
C ASP B 20 26.29 -8.24 -22.52
N LYS B 21 26.46 -8.55 -21.24
CA LYS B 21 27.31 -9.63 -20.78
C LYS B 21 26.55 -10.92 -20.47
N LYS B 22 25.27 -10.98 -20.82
CA LYS B 22 24.46 -12.17 -20.54
C LYS B 22 24.16 -12.98 -21.80
N PHE B 23 24.35 -12.40 -22.99
CA PHE B 23 23.94 -13.07 -24.20
C PHE B 23 25.04 -13.02 -25.26
N GLN B 24 24.95 -14.03 -26.10
CA GLN B 24 25.87 -14.52 -27.11
C GLN B 24 25.42 -14.04 -28.48
N ILE B 25 26.35 -13.80 -29.39
CA ILE B 25 25.93 -13.25 -30.68
C ILE B 25 25.21 -14.33 -31.50
N ASP B 26 25.68 -15.57 -31.43
CA ASP B 26 25.04 -16.65 -32.17
C ASP B 26 23.58 -16.78 -31.74
N GLU B 27 23.32 -16.56 -30.46
CA GLU B 27 21.95 -16.61 -29.97
C GLU B 27 21.18 -15.36 -30.35
N LEU B 28 21.76 -14.18 -30.13
CA LEU B 28 21.00 -12.95 -30.35
C LEU B 28 20.61 -12.73 -31.81
N ILE B 29 21.39 -13.20 -32.80
CA ILE B 29 20.82 -13.21 -34.16
C ILE B 29 19.55 -14.05 -34.20
N GLU B 30 19.48 -15.15 -33.45
CA GLU B 30 18.25 -15.94 -33.48
C GLU B 30 17.09 -15.18 -32.85
N THR B 31 17.29 -14.70 -31.60
CA THR B 31 16.21 -13.98 -30.93
C THR B 31 15.78 -12.75 -31.72
N GLN B 32 16.75 -11.96 -32.19
CA GLN B 32 16.41 -10.81 -33.02
C GLN B 32 15.73 -11.24 -34.31
N SER B 33 16.10 -12.41 -34.85
CA SER B 33 15.41 -12.96 -36.03
C SER B 33 13.93 -13.21 -35.78
N SER B 34 13.56 -13.65 -34.57
CA SER B 34 12.19 -14.09 -34.32
C SER B 34 11.21 -12.94 -34.13
N VAL B 35 11.69 -11.70 -34.08
CA VAL B 35 10.82 -10.56 -33.82
C VAL B 35 9.70 -10.47 -34.85
N ARG B 36 8.51 -10.09 -34.40
CA ARG B 36 7.37 -9.85 -35.26
C ARG B 36 6.59 -8.68 -34.68
N VAL B 37 5.87 -7.97 -35.56
CA VAL B 37 5.03 -6.84 -35.16
C VAL B 37 3.64 -7.11 -35.72
N PHE B 38 2.73 -7.56 -34.87
CA PHE B 38 1.34 -7.79 -35.26
C PHE B 38 0.58 -6.48 -35.06
N ALA B 39 0.23 -5.82 -36.17
CA ALA B 39 -0.37 -4.50 -36.15
C ALA B 39 -1.82 -4.57 -36.60
N ASN B 40 -2.67 -3.78 -35.95
CA ASN B 40 -4.08 -3.73 -36.31
C ASN B 40 -4.25 -2.83 -37.52
N LYS B 41 -4.83 -3.39 -38.60
CA LYS B 41 -5.10 -2.65 -39.84
C LYS B 41 -5.83 -1.34 -39.57
N LYS B 42 -6.86 -1.38 -38.73
CA LYS B 42 -7.76 -0.24 -38.57
C LYS B 42 -7.02 1.02 -38.09
N TYR B 43 -5.95 0.85 -37.31
CA TYR B 43 -5.23 1.98 -36.71
C TYR B 43 -3.81 2.15 -37.23
N LEU B 44 -3.13 1.07 -37.59
CA LEU B 44 -1.78 1.11 -38.15
C LEU B 44 -1.86 0.60 -39.58
N PRO B 45 -2.27 1.45 -40.54
CA PRO B 45 -2.57 0.94 -41.88
C PRO B 45 -1.34 0.69 -42.76
N ASP B 46 -0.40 1.63 -42.86
CA ASP B 46 0.77 1.44 -43.71
C ASP B 46 2.03 1.23 -42.86
N THR B 47 3.03 0.64 -43.51
CA THR B 47 4.29 0.33 -42.84
C THR B 47 4.96 1.55 -42.22
N GLU B 48 4.66 2.75 -42.73
CA GLU B 48 5.27 3.94 -42.14
C GLU B 48 4.65 4.28 -40.78
N THR B 49 3.32 4.22 -40.66
CA THR B 49 2.70 4.43 -39.36
C THR B 49 3.26 3.48 -38.31
N ILE B 50 3.45 2.21 -38.67
CA ILE B 50 3.99 1.26 -37.71
C ILE B 50 5.38 1.69 -37.25
N ASN B 51 6.27 1.94 -38.22
CA ASN B 51 7.64 2.30 -37.85
C ASN B 51 7.67 3.59 -37.04
N GLU B 52 6.71 4.48 -37.25
CA GLU B 52 6.63 5.66 -36.40
C GLU B 52 6.21 5.27 -34.99
N ALA B 53 5.18 4.41 -34.88
CA ALA B 53 4.75 3.87 -33.59
C ALA B 53 5.89 3.21 -32.82
N LEU B 54 6.81 2.56 -33.54
CA LEU B 54 7.91 1.87 -32.87
C LEU B 54 9.04 2.81 -32.47
N THR B 55 9.06 4.05 -32.95
CA THR B 55 10.28 4.85 -32.85
C THR B 55 10.09 6.26 -32.29
N LYS B 56 8.93 6.87 -32.49
CA LYS B 56 8.75 8.27 -32.07
C LYS B 56 8.33 8.33 -30.60
N VAL B 57 9.21 7.79 -29.75
CA VAL B 57 8.90 7.52 -28.35
C VAL B 57 10.06 7.99 -27.47
N THR B 58 9.77 8.08 -26.17
CA THR B 58 10.80 8.37 -25.19
C THR B 58 11.60 7.10 -24.92
N ALA B 59 12.73 7.25 -24.23
CA ALA B 59 13.48 6.06 -23.83
C ALA B 59 12.91 5.47 -22.54
N VAL B 60 12.64 6.32 -21.54
CA VAL B 60 12.12 5.89 -20.24
C VAL B 60 11.00 6.84 -19.86
N ASN B 61 9.88 6.30 -19.37
CA ASN B 61 8.69 7.11 -19.08
C ASN B 61 7.91 6.45 -17.95
N VAL B 62 7.71 7.18 -16.86
CA VAL B 62 6.89 6.72 -15.75
C VAL B 62 5.99 7.85 -15.24
N SER B 63 5.02 7.46 -14.42
CA SER B 63 4.09 8.39 -13.78
C SER B 63 3.43 9.30 -14.79
N GLY B 64 3.05 8.71 -15.92
CA GLY B 64 2.21 9.36 -16.93
C GLY B 64 2.79 10.60 -17.58
N ASP B 65 4.08 10.57 -17.91
CA ASP B 65 4.90 11.59 -18.60
C ASP B 65 5.56 12.60 -17.65
N LYS B 66 5.40 12.48 -16.34
CA LYS B 66 6.01 13.48 -15.46
C LYS B 66 7.51 13.28 -15.31
N SER B 67 8.01 12.05 -15.49
CA SER B 67 9.40 11.72 -15.23
C SER B 67 9.90 10.70 -16.23
N GLY B 68 11.16 10.85 -16.66
CA GLY B 68 11.76 9.95 -17.62
C GLY B 68 12.82 10.65 -18.47
N TYR B 69 13.27 9.94 -19.51
CA TYR B 69 14.34 10.39 -20.41
C TYR B 69 13.95 10.17 -21.86
N PHE B 70 14.36 11.11 -22.72
CA PHE B 70 14.21 10.93 -24.15
C PHE B 70 15.28 9.96 -24.65
N GLN B 71 15.16 9.56 -25.93
CA GLN B 71 16.10 8.60 -26.49
C GLN B 71 17.53 9.12 -26.47
N ASN B 72 17.69 10.44 -26.58
CA ASN B 72 18.99 11.09 -26.59
C ASN B 72 19.64 11.18 -25.21
N GLY B 73 18.96 10.75 -24.15
CA GLY B 73 19.52 10.77 -22.81
C GLY B 73 19.10 11.96 -21.96
N LEU B 74 18.45 12.95 -22.55
CA LEU B 74 18.12 14.12 -21.75
C LEU B 74 16.83 13.89 -20.96
N PRO B 75 16.76 14.41 -19.73
CA PRO B 75 15.56 14.21 -18.92
C PRO B 75 14.39 15.02 -19.44
N PHE B 76 13.19 14.57 -19.05
CA PHE B 76 11.96 15.24 -19.42
C PHE B 76 11.94 16.67 -18.88
N PRO B 77 11.28 17.59 -19.57
CA PRO B 77 11.09 18.94 -19.02
C PRO B 77 10.33 18.90 -17.70
N ASN B 78 10.29 20.04 -17.04
CA ASN B 78 9.44 20.23 -15.88
C ASN B 78 8.14 20.93 -16.27
N GLU B 79 7.98 21.29 -17.54
CA GLU B 79 6.71 21.73 -18.06
C GLU B 79 5.71 20.59 -17.95
N ALA B 80 4.74 20.72 -17.05
CA ALA B 80 3.55 19.90 -17.20
C ALA B 80 2.91 20.21 -18.56
N GLY B 81 2.15 19.26 -19.09
CA GLY B 81 1.52 19.49 -20.36
C GLY B 81 2.43 19.54 -21.57
N TYR B 82 3.73 19.30 -21.41
CA TYR B 82 4.60 19.22 -22.58
C TYR B 82 4.05 18.19 -23.57
N PHE B 83 3.80 16.97 -23.08
CA PHE B 83 3.43 15.87 -23.93
C PHE B 83 1.98 15.93 -24.37
N GLU B 84 1.11 16.59 -23.59
CA GLU B 84 -0.29 16.71 -24.01
C GLU B 84 -0.47 17.50 -25.30
N LYS B 85 0.35 18.53 -25.53
CA LYS B 85 0.12 19.40 -26.68
C LYS B 85 1.05 19.08 -27.84
N ILE B 86 1.75 17.96 -27.79
CA ILE B 86 2.49 17.47 -28.95
C ILE B 86 1.52 17.17 -30.09
N PRO B 87 1.72 17.72 -31.28
CA PRO B 87 0.77 17.51 -32.38
C PRO B 87 1.11 16.27 -33.22
N VAL B 88 0.09 15.82 -33.96
CA VAL B 88 0.31 14.76 -34.95
C VAL B 88 1.34 15.24 -35.97
N GLY B 89 2.37 14.44 -36.18
CA GLY B 89 3.42 14.83 -37.09
C GLY B 89 4.60 15.53 -36.46
N HIS B 90 4.64 15.63 -35.14
CA HIS B 90 5.82 16.11 -34.46
C HIS B 90 7.06 15.36 -34.96
N PRO B 91 8.21 16.02 -35.09
CA PRO B 91 9.38 15.37 -35.73
C PRO B 91 9.87 14.13 -35.00
N GLU B 92 9.67 14.03 -33.69
CA GLU B 92 10.32 12.98 -32.91
C GLU B 92 9.39 12.23 -31.97
N LEU B 93 8.20 12.75 -31.66
CA LEU B 93 7.38 12.16 -30.62
C LEU B 93 5.96 11.98 -31.12
N LEU B 94 5.31 10.91 -30.65
CA LEU B 94 3.92 10.65 -30.99
C LEU B 94 3.00 11.55 -30.18
N SER B 95 1.95 12.05 -30.84
CA SER B 95 0.89 12.81 -30.17
C SER B 95 0.09 11.90 -29.25
N PRO B 96 -0.71 12.48 -28.34
CA PRO B 96 -1.67 11.65 -27.57
C PRO B 96 -2.50 10.71 -28.43
N ILE B 97 -3.20 11.23 -29.45
CA ILE B 97 -4.03 10.36 -30.27
C ILE B 97 -3.17 9.32 -31.00
N GLU B 98 -1.94 9.69 -31.40
CA GLU B 98 -1.05 8.69 -32.00
C GLU B 98 -0.65 7.63 -30.97
N ARG B 99 -0.58 8.00 -29.69
CA ARG B 99 -0.28 7.04 -28.65
C ARG B 99 -1.44 6.08 -28.40
N LEU B 100 -2.69 6.55 -28.56
CA LEU B 100 -3.81 5.63 -28.45
C LEU B 100 -3.80 4.62 -29.59
N THR B 101 -3.71 5.10 -30.85
CA THR B 101 -3.68 4.20 -31.99
C THR B 101 -2.40 3.36 -32.02
N GLY B 102 -1.27 3.95 -31.63
CA GLY B 102 -0.02 3.20 -31.50
C GLY B 102 -0.10 2.04 -30.52
N SER B 103 -1.08 2.06 -29.61
CA SER B 103 -1.29 0.96 -28.69
C SER B 103 -1.81 -0.30 -29.39
N LYS B 104 -2.34 -0.18 -30.59
CA LYS B 104 -3.02 -1.28 -31.26
C LYS B 104 -2.05 -2.09 -32.11
N LYS B 105 -0.97 -2.50 -31.48
CA LYS B 105 0.05 -3.37 -32.04
C LYS B 105 0.53 -4.29 -30.94
N ILE B 106 1.14 -5.41 -31.32
CA ILE B 106 1.79 -6.32 -30.39
C ILE B 106 3.14 -6.69 -30.96
N VAL B 107 4.19 -6.53 -30.17
CA VAL B 107 5.55 -6.86 -30.61
C VAL B 107 5.97 -8.11 -29.87
N SER B 108 6.22 -9.17 -30.62
CA SER B 108 6.63 -10.45 -30.05
C SER B 108 8.07 -10.77 -30.45
N SER B 109 8.72 -11.60 -29.63
CA SER B 109 10.00 -12.20 -29.97
C SER B 109 10.22 -13.43 -29.09
N HIS B 110 10.89 -14.44 -29.63
CA HIS B 110 11.24 -15.63 -28.86
C HIS B 110 12.53 -15.35 -28.10
N SER B 111 12.40 -14.66 -26.97
CA SER B 111 13.54 -14.09 -26.26
C SER B 111 14.13 -15.07 -25.25
N LEU B 112 15.45 -15.02 -25.11
CA LEU B 112 16.13 -15.75 -24.04
C LEU B 112 15.78 -15.11 -22.70
N VAL B 113 15.55 -15.96 -21.70
CA VAL B 113 15.16 -15.56 -20.36
C VAL B 113 16.08 -16.25 -19.37
N THR B 114 16.81 -15.47 -18.58
CA THR B 114 17.85 -16.03 -17.72
C THR B 114 17.45 -16.17 -16.27
N ALA B 115 16.40 -15.47 -15.85
CA ALA B 115 15.91 -15.59 -14.48
C ALA B 115 14.43 -15.25 -14.46
N SER B 116 13.79 -15.55 -13.34
CA SER B 116 12.44 -15.11 -13.07
C SER B 116 12.41 -14.43 -11.70
N GLY B 117 11.41 -13.54 -11.52
CA GLY B 117 11.28 -12.81 -10.27
C GLY B 117 12.01 -11.48 -10.28
N GLY B 118 12.00 -10.82 -9.11
CA GLY B 118 12.64 -9.53 -8.97
C GLY B 118 11.69 -8.38 -8.80
N TYR B 119 10.42 -8.55 -9.16
CA TYR B 119 9.42 -7.51 -8.96
C TYR B 119 8.11 -8.20 -8.64
N PRO B 120 7.36 -7.73 -7.63
CA PRO B 120 7.66 -6.68 -6.64
C PRO B 120 8.64 -7.11 -5.54
N LEU B 121 8.64 -6.34 -4.45
CA LEU B 121 9.67 -6.47 -3.43
C LEU B 121 9.70 -7.85 -2.81
N THR B 122 8.55 -8.52 -2.71
CA THR B 122 8.45 -9.86 -2.15
C THR B 122 8.81 -10.99 -3.12
N ASN B 123 9.15 -10.69 -4.37
CA ASN B 123 9.32 -11.73 -5.39
C ASN B 123 10.79 -11.97 -5.74
N PRO B 124 11.45 -12.95 -5.13
CA PRO B 124 12.90 -13.08 -5.28
C PRO B 124 13.34 -13.40 -6.69
N LEU B 125 14.42 -12.74 -7.11
CA LEU B 125 15.06 -13.02 -8.39
C LEU B 125 15.66 -14.42 -8.35
N LEU B 126 15.24 -15.28 -9.25
CA LEU B 126 15.70 -16.68 -9.29
C LEU B 126 16.30 -16.99 -10.64
N PRO B 127 17.63 -17.15 -10.75
CA PRO B 127 18.24 -17.45 -12.05
C PRO B 127 17.88 -18.84 -12.53
N TYR B 128 17.70 -18.97 -13.84
CA TYR B 128 17.56 -20.27 -14.47
C TYR B 128 18.95 -20.87 -14.60
N ARG B 129 19.08 -22.16 -14.27
CA ARG B 129 20.40 -22.78 -14.37
C ARG B 129 20.95 -22.64 -15.79
N LYS B 130 20.11 -22.89 -16.79
CA LYS B 130 20.48 -22.48 -18.13
C LYS B 130 19.39 -21.59 -18.70
N PRO B 131 19.74 -20.51 -19.40
CA PRO B 131 18.74 -19.63 -19.98
C PRO B 131 17.81 -20.35 -20.95
N ILE B 132 16.51 -20.18 -20.75
CA ILE B 132 15.48 -20.74 -21.61
C ILE B 132 15.02 -19.66 -22.58
N ARG B 133 14.08 -19.99 -23.45
CA ARG B 133 13.54 -19.03 -24.41
C ARG B 133 12.04 -18.94 -24.24
N VAL B 134 11.51 -17.72 -24.10
CA VAL B 134 10.08 -17.47 -23.92
C VAL B 134 9.61 -16.51 -25.00
N SER B 135 8.45 -16.78 -25.56
CA SER B 135 7.84 -15.89 -26.54
C SER B 135 7.15 -14.76 -25.79
N ILE B 136 7.74 -13.58 -25.83
CA ILE B 136 7.28 -12.43 -25.05
C ILE B 136 6.45 -11.53 -25.95
N PHE B 137 5.19 -11.32 -25.59
CA PHE B 137 4.25 -10.52 -26.37
C PHE B 137 4.02 -9.19 -25.65
N SER B 138 4.54 -8.11 -26.24
CA SER B 138 4.51 -6.80 -25.60
C SER B 138 3.30 -6.03 -26.08
N LEU B 139 2.38 -5.73 -25.16
CA LEU B 139 1.25 -4.87 -25.51
C LEU B 139 0.97 -3.87 -24.40
N ALA B 140 0.69 -2.64 -24.82
CA ALA B 140 0.47 -1.53 -23.92
C ALA B 140 -1.03 -1.36 -23.69
N GLY B 141 -1.48 -1.65 -22.47
CA GLY B 141 -2.87 -1.56 -22.14
C GLY B 141 -3.32 -0.12 -22.07
N PRO B 142 -4.61 0.12 -21.89
CA PRO B 142 -5.07 1.48 -21.59
C PRO B 142 -4.28 2.02 -20.42
N SER B 143 -3.84 3.28 -20.52
CA SER B 143 -3.25 3.96 -19.37
C SER B 143 -4.19 5.07 -18.92
N PHE B 144 -4.45 5.12 -17.61
CA PHE B 144 -5.20 6.20 -16.99
C PHE B 144 -4.32 7.04 -16.07
N GLU B 145 -3.00 6.97 -16.23
CA GLU B 145 -2.13 7.69 -15.30
C GLU B 145 -2.29 9.21 -15.46
N ASN B 146 -2.67 9.68 -16.63
CA ASN B 146 -2.92 11.10 -16.85
C ASN B 146 -4.27 11.24 -17.53
N ASN B 147 -4.66 12.47 -17.85
CA ASN B 147 -6.00 12.70 -18.37
C ASN B 147 -6.05 12.76 -19.89
N TYR B 148 -4.92 12.61 -20.59
CA TYR B 148 -4.93 12.80 -22.04
C TYR B 148 -4.59 11.53 -22.82
N LEU B 149 -4.52 10.36 -22.19
CA LEU B 149 -4.45 9.13 -22.96
C LEU B 149 -5.81 8.46 -22.94
N HIS B 150 -5.92 7.23 -22.46
CA HIS B 150 -7.19 6.53 -22.58
C HIS B 150 -8.26 7.07 -21.65
N TYR B 151 -7.92 7.97 -20.72
CA TYR B 151 -8.97 8.66 -19.96
C TYR B 151 -10.02 9.25 -20.88
N ARG B 152 -9.59 9.93 -21.96
CA ARG B 152 -10.50 10.62 -22.87
C ARG B 152 -11.38 9.66 -23.66
N LEU B 153 -11.15 8.35 -23.57
CA LEU B 153 -12.04 7.40 -24.22
C LEU B 153 -13.11 6.88 -23.28
N PHE B 154 -12.81 6.74 -21.99
CA PHE B 154 -13.65 5.91 -21.14
C PHE B 154 -14.25 6.61 -19.92
N LEU B 155 -14.02 7.93 -19.73
CA LEU B 155 -14.53 8.58 -18.53
C LEU B 155 -15.29 9.87 -18.84
N LEU B 156 -16.39 10.05 -18.12
CA LEU B 156 -17.19 11.28 -18.13
C LEU B 156 -17.14 11.96 -16.77
N ASP B 157 -16.82 13.26 -16.75
CA ASP B 157 -16.76 14.07 -15.56
C ASP B 157 -17.25 15.48 -15.89
N SER B 158 -17.21 16.39 -14.90
CA SER B 158 -17.66 17.76 -15.14
C SER B 158 -16.72 18.58 -16.01
N VAL B 159 -15.45 18.20 -16.09
CA VAL B 159 -14.46 18.94 -16.88
C VAL B 159 -14.46 18.48 -18.33
N GLN B 160 -14.31 17.17 -18.52
CA GLN B 160 -14.41 16.50 -19.81
C GLN B 160 -15.85 16.00 -19.95
N LYS B 161 -16.71 16.91 -20.41
CA LYS B 161 -18.15 16.66 -20.43
C LYS B 161 -18.62 15.81 -21.61
N ILE B 162 -17.79 15.66 -22.66
CA ILE B 162 -18.04 14.69 -23.73
C ILE B 162 -16.74 14.07 -24.20
N ILE B 163 -16.88 12.97 -24.95
CA ILE B 163 -15.76 12.06 -25.21
C ILE B 163 -14.79 12.69 -26.22
N ASP B 164 -15.26 12.92 -27.44
CA ASP B 164 -14.54 13.65 -28.49
C ASP B 164 -13.30 12.90 -29.01
N SER B 165 -13.49 11.83 -29.77
CA SER B 165 -12.37 11.07 -30.34
C SER B 165 -12.90 10.26 -31.52
N PRO B 166 -12.84 10.82 -32.73
CA PRO B 166 -13.53 10.18 -33.86
C PRO B 166 -12.95 8.85 -34.30
N LEU B 167 -11.63 8.64 -34.21
CA LEU B 167 -11.06 7.38 -34.65
C LEU B 167 -11.44 6.21 -33.77
N PHE B 168 -12.10 6.45 -32.64
CA PHE B 168 -12.60 5.39 -31.77
C PHE B 168 -14.12 5.41 -31.61
N SER B 169 -14.84 6.18 -32.44
CA SER B 169 -16.29 6.28 -32.33
C SER B 169 -16.97 4.92 -32.26
N HIS B 170 -16.46 3.94 -33.02
CA HIS B 170 -17.10 2.62 -33.09
C HIS B 170 -17.24 1.98 -31.70
N LEU B 171 -16.31 2.28 -30.79
CA LEU B 171 -16.42 1.74 -29.44
C LEU B 171 -17.66 2.24 -28.71
N HIS B 172 -18.18 3.41 -29.11
CA HIS B 172 -19.24 4.12 -28.41
C HIS B 172 -20.60 4.08 -29.09
N ASP B 173 -20.77 3.31 -30.18
CA ASP B 173 -21.97 3.44 -31.02
C ASP B 173 -23.27 3.49 -30.22
N GLY B 174 -23.58 2.41 -29.52
CA GLY B 174 -24.84 2.37 -28.79
C GLY B 174 -24.84 3.10 -27.46
N LEU B 175 -23.67 3.55 -26.96
CA LEU B 175 -23.39 4.05 -25.63
C LEU B 175 -23.54 5.57 -25.53
N PRO B 176 -23.85 6.07 -24.33
CA PRO B 176 -23.95 7.51 -24.12
C PRO B 176 -22.58 8.17 -24.03
N ILE B 177 -22.55 9.46 -24.34
CA ILE B 177 -21.28 10.13 -24.57
C ILE B 177 -21.10 11.43 -23.80
N GLN B 178 -22.14 12.10 -23.32
CA GLN B 178 -21.90 13.33 -22.55
C GLN B 178 -22.36 13.16 -21.10
N PHE B 179 -21.77 13.98 -20.22
CA PHE B 179 -21.77 13.73 -18.78
C PHE B 179 -23.16 13.79 -18.15
N ASP B 180 -23.85 14.92 -18.29
CA ASP B 180 -25.08 15.09 -17.53
C ASP B 180 -26.22 14.30 -18.17
N GLU B 181 -26.13 13.99 -19.46
CA GLU B 181 -27.00 12.96 -20.03
C GLU B 181 -26.70 11.60 -19.43
N ALA B 182 -25.42 11.32 -19.14
CA ALA B 182 -25.07 10.07 -18.48
C ALA B 182 -25.62 10.02 -17.06
N LYS B 183 -25.46 11.12 -16.31
CA LYS B 183 -26.08 11.22 -14.98
C LYS B 183 -27.57 10.91 -15.03
N LYS B 184 -28.30 11.51 -15.97
CA LYS B 184 -29.76 11.41 -15.94
C LYS B 184 -30.23 10.01 -16.30
N GLU B 185 -29.54 9.34 -17.23
CA GLU B 185 -29.92 7.98 -17.56
C GLU B 185 -29.69 7.04 -16.39
N LEU B 186 -28.66 7.31 -15.59
CA LEU B 186 -28.45 6.52 -14.38
C LEU B 186 -29.35 6.98 -13.24
N GLY B 187 -29.51 8.29 -13.10
CA GLY B 187 -30.41 8.85 -12.10
C GLY B 187 -29.93 8.63 -10.68
N GLU B 188 -30.74 7.94 -9.87
CA GLU B 188 -30.45 7.60 -8.48
C GLU B 188 -29.61 6.37 -8.31
N TYR B 189 -29.21 5.70 -9.35
CA TYR B 189 -28.57 4.44 -9.06
C TYR B 189 -27.19 4.50 -9.74
N ASP B 190 -26.20 3.68 -9.30
CA ASP B 190 -24.80 3.96 -9.66
C ASP B 190 -24.33 3.28 -10.94
N THR B 191 -25.00 2.20 -11.35
CA THR B 191 -24.56 1.38 -12.46
C THR B 191 -25.76 0.92 -13.26
N ASN B 192 -25.54 0.73 -14.56
CA ASN B 192 -26.42 -0.03 -15.43
C ASN B 192 -25.50 -0.90 -16.25
N LYS B 193 -25.99 -1.44 -17.36
CA LYS B 193 -25.15 -2.40 -18.08
C LYS B 193 -24.20 -1.75 -19.06
N LEU B 194 -24.10 -0.42 -19.07
CA LEU B 194 -23.26 0.29 -20.01
C LEU B 194 -22.31 1.29 -19.37
N MET B 195 -22.49 1.61 -18.09
CA MET B 195 -21.69 2.62 -17.39
C MET B 195 -21.85 2.39 -15.91
N ALA B 196 -20.92 2.93 -15.16
CA ALA B 196 -21.00 2.85 -13.72
C ALA B 196 -20.21 4.02 -13.17
N ARG B 197 -20.69 4.55 -12.04
CA ARG B 197 -19.88 5.51 -11.32
C ARG B 197 -18.71 4.75 -10.70
N ILE B 198 -17.67 5.48 -10.31
CA ILE B 198 -16.50 4.81 -9.77
C ILE B 198 -16.53 4.97 -8.28
N ARG B 199 -16.34 3.84 -7.59
CA ARG B 199 -16.43 3.72 -6.14
C ARG B 199 -15.11 3.10 -5.68
N LEU B 200 -14.32 3.87 -4.94
CA LEU B 200 -13.06 3.37 -4.40
C LEU B 200 -13.33 2.84 -3.00
N GLY B 201 -13.95 1.67 -2.94
CA GLY B 201 -14.50 1.23 -1.68
C GLY B 201 -15.89 1.80 -1.45
N PHE B 202 -16.01 2.68 -0.48
CA PHE B 202 -17.32 3.27 -0.19
C PHE B 202 -17.51 4.61 -0.91
N PRO B 203 -16.57 5.55 -0.84
CA PRO B 203 -16.77 6.84 -1.50
C PRO B 203 -16.62 6.74 -3.02
N TYR B 204 -17.08 7.80 -3.71
CA TYR B 204 -16.98 7.94 -5.15
C TYR B 204 -15.67 8.61 -5.54
N LEU B 205 -15.27 8.39 -6.78
CA LEU B 205 -14.17 9.15 -7.36
C LEU B 205 -14.79 10.34 -8.07
N ALA B 206 -14.38 11.54 -7.70
CA ALA B 206 -15.03 12.72 -8.23
C ALA B 206 -13.98 13.69 -8.77
N ARG B 207 -14.45 14.58 -9.65
CA ARG B 207 -13.59 15.61 -10.21
C ARG B 207 -14.28 16.96 -10.06
N PHE B 208 -13.57 17.91 -9.45
CA PHE B 208 -14.05 19.28 -9.44
C PHE B 208 -14.02 19.81 -10.86
N SER B 209 -15.08 20.54 -11.24
CA SER B 209 -15.06 21.16 -12.55
C SER B 209 -13.96 22.22 -12.64
N SER B 210 -13.47 22.69 -11.49
CA SER B 210 -12.20 23.42 -11.46
C SER B 210 -11.09 22.58 -12.09
N GLY B 211 -11.11 21.27 -11.84
CA GLY B 211 -10.01 20.38 -12.21
C GLY B 211 -9.32 19.80 -10.99
N GLY B 212 -9.10 18.51 -11.02
CA GLY B 212 -8.56 17.89 -9.80
C GLY B 212 -9.55 16.89 -9.28
N PHE B 213 -9.05 15.71 -8.94
CA PHE B 213 -9.90 14.65 -8.43
C PHE B 213 -9.95 14.65 -6.91
N TYR B 214 -11.01 14.06 -6.38
CA TYR B 214 -11.19 13.97 -4.94
C TYR B 214 -12.20 12.86 -4.64
N PRO B 215 -12.12 12.22 -3.49
CA PRO B 215 -13.12 11.21 -3.13
C PRO B 215 -14.32 11.89 -2.48
N SER B 216 -15.53 11.65 -2.99
CA SER B 216 -16.73 12.25 -2.44
C SER B 216 -17.68 11.20 -1.89
N PHE B 217 -18.55 11.64 -0.99
CA PHE B 217 -19.67 10.81 -0.53
C PHE B 217 -20.95 11.17 -1.28
N SER B 218 -20.83 12.00 -2.31
CA SER B 218 -21.94 12.50 -3.09
C SER B 218 -21.80 12.02 -4.52
N LYS B 219 -22.93 11.71 -5.16
CA LYS B 219 -22.94 11.31 -6.57
C LYS B 219 -22.83 12.49 -7.53
N SER B 220 -22.75 13.73 -7.03
CA SER B 220 -22.88 14.91 -7.88
C SER B 220 -21.88 14.94 -9.03
N ASN B 221 -20.60 15.16 -8.77
CA ASN B 221 -19.61 15.09 -9.84
C ASN B 221 -18.73 13.84 -9.73
N ALA B 222 -19.35 12.73 -9.34
CA ALA B 222 -18.69 11.44 -9.42
C ALA B 222 -18.49 11.08 -10.88
N ILE B 223 -17.27 10.70 -11.26
CA ILE B 223 -17.01 10.43 -12.66
C ILE B 223 -17.67 9.12 -13.05
N ILE B 224 -17.99 8.97 -14.33
CA ILE B 224 -18.70 7.80 -14.82
C ILE B 224 -17.81 7.07 -15.83
N PHE B 225 -17.64 5.78 -15.61
CA PHE B 225 -16.78 4.94 -16.43
C PHE B 225 -17.63 4.26 -17.49
N LEU B 226 -17.27 4.45 -18.76
CA LEU B 226 -18.03 3.85 -19.87
C LEU B 226 -17.59 2.39 -20.03
N SER B 227 -18.08 1.55 -19.12
CA SER B 227 -17.66 0.15 -19.05
C SER B 227 -17.74 -0.54 -20.41
N GLU B 228 -18.88 -0.43 -21.10
CA GLU B 228 -19.09 -1.20 -22.34
C GLU B 228 -18.14 -0.74 -23.44
N ALA B 229 -17.85 0.56 -23.50
CA ALA B 229 -16.82 1.02 -24.44
C ALA B 229 -15.47 0.37 -24.11
N TYR B 230 -15.09 0.39 -22.82
CA TYR B 230 -13.87 -0.28 -22.39
C TYR B 230 -13.87 -1.74 -22.81
N PHE B 231 -14.99 -2.43 -22.59
CA PHE B 231 -15.09 -3.83 -22.98
C PHE B 231 -14.90 -4.01 -24.49
N ARG B 232 -15.47 -3.10 -25.28
CA ARG B 232 -15.24 -3.16 -26.71
C ARG B 232 -13.78 -2.93 -27.06
N TYR B 233 -13.15 -1.97 -26.38
CA TYR B 233 -11.74 -1.73 -26.60
C TYR B 233 -10.91 -2.96 -26.23
N GLN B 234 -11.25 -3.59 -25.11
CA GLN B 234 -10.49 -4.75 -24.67
C GLN B 234 -10.57 -5.89 -25.67
N LEU B 235 -11.76 -6.16 -26.21
CA LEU B 235 -11.91 -7.23 -27.20
C LEU B 235 -10.97 -7.05 -28.38
N GLU B 236 -10.73 -5.81 -28.81
CA GLU B 236 -9.74 -5.56 -29.86
C GLU B 236 -8.34 -5.98 -29.42
N ASP B 237 -7.93 -5.57 -28.20
CA ASP B 237 -6.62 -5.94 -27.68
C ASP B 237 -6.49 -7.44 -27.49
N VAL B 238 -7.47 -8.07 -26.85
CA VAL B 238 -7.34 -9.46 -26.49
C VAL B 238 -7.45 -10.36 -27.71
N SER B 239 -8.42 -10.10 -28.61
CA SER B 239 -8.51 -10.83 -29.86
C SER B 239 -7.18 -10.79 -30.62
N LEU B 240 -6.69 -9.57 -30.86
CA LEU B 240 -5.38 -9.41 -31.51
C LEU B 240 -4.32 -10.25 -30.83
N LEU B 241 -4.33 -10.31 -29.50
CA LEU B 241 -3.30 -11.03 -28.78
C LEU B 241 -3.43 -12.53 -28.98
N LEU B 242 -4.64 -13.07 -28.81
CA LEU B 242 -4.83 -14.51 -28.99
C LEU B 242 -4.45 -14.96 -30.39
N ALA B 243 -4.85 -14.19 -31.41
CA ALA B 243 -4.44 -14.48 -32.77
C ALA B 243 -2.91 -14.52 -32.91
N SER B 244 -2.23 -13.45 -32.46
CA SER B 244 -0.76 -13.43 -32.48
C SER B 244 -0.15 -14.67 -31.80
N VAL B 245 -0.62 -14.99 -30.59
CA VAL B 245 -0.04 -16.11 -29.87
C VAL B 245 -0.33 -17.41 -30.59
N ASN B 246 -1.54 -17.54 -31.14
CA ASN B 246 -1.90 -18.72 -31.91
C ASN B 246 -0.99 -18.88 -33.12
N GLN B 247 -0.83 -17.82 -33.91
CA GLN B 247 -0.02 -17.92 -35.13
C GLN B 247 1.42 -18.32 -34.80
N THR B 248 1.93 -17.90 -33.63
CA THR B 248 3.27 -18.29 -33.23
C THR B 248 3.30 -19.75 -32.79
N GLY B 249 2.25 -20.21 -32.11
CA GLY B 249 2.11 -21.63 -31.87
C GLY B 249 2.15 -22.45 -33.14
N LYS B 250 1.33 -22.07 -34.13
CA LYS B 250 1.30 -22.82 -35.38
C LYS B 250 2.68 -22.82 -36.03
N GLU B 251 3.25 -21.64 -36.25
CA GLU B 251 4.55 -21.52 -36.88
C GLU B 251 5.65 -22.28 -36.15
N THR B 252 5.50 -22.54 -34.85
CA THR B 252 6.48 -23.32 -34.09
C THR B 252 6.03 -24.76 -33.85
N GLY B 253 4.84 -25.13 -34.33
CA GLY B 253 4.30 -26.47 -34.08
C GLY B 253 4.33 -26.91 -32.62
N LYS B 254 3.97 -26.03 -31.71
CA LYS B 254 3.74 -26.39 -30.32
C LYS B 254 2.60 -25.54 -29.81
N ALA B 255 1.80 -26.11 -28.91
CA ALA B 255 0.73 -25.33 -28.31
C ALA B 255 1.30 -24.46 -27.20
N ALA B 256 0.77 -23.24 -27.11
CA ALA B 256 1.26 -22.27 -26.14
C ALA B 256 0.69 -22.54 -24.75
N LEU B 257 1.52 -22.33 -23.74
CA LEU B 257 1.07 -22.03 -22.38
C LEU B 257 1.26 -20.52 -22.25
N LEU B 258 0.16 -19.77 -22.29
CA LEU B 258 0.22 -18.31 -22.34
C LEU B 258 0.02 -17.73 -20.93
N LYS B 259 1.06 -17.07 -20.43
CA LYS B 259 0.96 -16.35 -19.16
C LYS B 259 0.24 -15.03 -19.42
N ALA B 260 -1.03 -14.95 -19.01
CA ALA B 260 -1.84 -13.75 -19.27
C ALA B 260 -1.67 -12.74 -18.15
N THR B 261 -0.51 -12.07 -18.13
CA THR B 261 -0.26 -10.91 -17.30
C THR B 261 -1.47 -9.99 -17.22
N ALA B 262 -1.69 -9.36 -16.06
CA ALA B 262 -2.79 -8.41 -15.91
C ALA B 262 -2.35 -7.05 -16.44
N VAL B 263 -2.13 -7.01 -17.75
CA VAL B 263 -1.74 -5.77 -18.40
C VAL B 263 -2.74 -4.67 -18.09
N GLY B 264 -2.24 -3.53 -17.63
CA GLY B 264 -3.10 -2.39 -17.42
C GLY B 264 -3.68 -2.27 -16.02
N MET B 265 -3.37 -3.23 -15.14
CA MET B 265 -3.97 -3.30 -13.82
C MET B 265 -3.03 -2.81 -12.72
N GLY B 266 -1.86 -2.29 -13.07
CA GLY B 266 -0.92 -1.81 -12.08
C GLY B 266 -0.80 -0.30 -12.14
N PHE B 267 0.31 0.20 -12.69
CA PHE B 267 0.46 1.65 -12.83
C PHE B 267 -0.63 2.23 -13.71
N PHE B 268 -0.91 1.60 -14.85
CA PHE B 268 -1.88 2.15 -15.79
C PHE B 268 -3.28 2.27 -15.20
N ALA B 269 -3.60 1.51 -14.16
CA ALA B 269 -4.94 1.56 -13.56
C ALA B 269 -5.10 2.66 -12.49
N LYS B 270 -4.05 3.47 -12.23
CA LYS B 270 -4.07 4.48 -11.17
C LYS B 270 -4.34 5.84 -11.80
N ILE B 271 -5.61 6.27 -11.75
CA ILE B 271 -5.94 7.59 -12.29
C ILE B 271 -5.18 8.64 -11.51
N ASP B 272 -4.55 9.58 -12.24
CA ASP B 272 -3.66 10.57 -11.61
C ASP B 272 -2.61 9.91 -10.72
N CYS B 273 -2.20 8.69 -11.08
CA CYS B 273 -1.21 7.88 -10.35
C CYS B 273 -1.60 7.70 -8.89
N GLY B 274 -2.85 7.99 -8.52
CA GLY B 274 -3.29 7.92 -7.13
C GLY B 274 -4.50 7.04 -6.82
N TYR B 275 -5.46 6.97 -7.73
CA TYR B 275 -6.78 6.39 -7.46
C TYR B 275 -6.95 5.06 -8.21
N ASP B 276 -6.82 3.97 -7.49
CA ASP B 276 -6.79 2.63 -8.06
C ASP B 276 -8.18 2.23 -8.60
N ILE B 277 -8.28 1.97 -9.91
CA ILE B 277 -9.52 1.48 -10.51
C ILE B 277 -9.36 0.09 -11.08
N GLN B 278 -8.24 -0.58 -10.80
CA GLN B 278 -8.06 -1.97 -11.22
C GLN B 278 -9.29 -2.82 -10.88
N HIS B 279 -9.84 -2.65 -9.67
CA HIS B 279 -10.97 -3.48 -9.24
C HIS B 279 -12.21 -3.26 -10.10
N ILE B 280 -12.25 -2.18 -10.88
CA ILE B 280 -13.37 -1.90 -11.77
C ILE B 280 -13.09 -2.37 -13.20
N ILE B 281 -11.85 -2.24 -13.68
CA ILE B 281 -11.59 -2.62 -15.06
C ILE B 281 -11.25 -4.11 -15.19
N PHE B 282 -10.66 -4.74 -14.19
CA PHE B 282 -10.22 -6.12 -14.37
C PHE B 282 -11.31 -7.06 -14.86
N PRO B 283 -12.56 -7.03 -14.35
CA PRO B 283 -13.58 -7.93 -14.91
C PRO B 283 -13.75 -7.83 -16.41
N TYR B 284 -13.72 -6.62 -16.98
CA TYR B 284 -13.89 -6.51 -18.42
C TYR B 284 -12.70 -7.10 -19.15
N TYR B 285 -11.49 -6.97 -18.59
CA TYR B 285 -10.33 -7.68 -19.12
C TYR B 285 -10.57 -9.18 -19.13
N LEU B 286 -11.09 -9.72 -18.03
CA LEU B 286 -11.32 -11.15 -17.93
C LEU B 286 -12.47 -11.59 -18.84
N ARG B 287 -13.56 -10.85 -18.86
CA ARG B 287 -14.69 -11.19 -19.73
C ARG B 287 -14.29 -11.13 -21.20
N ALA B 288 -13.39 -10.22 -21.57
CA ALA B 288 -12.92 -10.18 -22.96
C ALA B 288 -12.31 -11.51 -23.36
N TYR B 289 -11.50 -12.10 -22.47
CA TYR B 289 -10.98 -13.45 -22.69
C TYR B 289 -12.11 -14.46 -22.71
N LYS B 290 -13.00 -14.43 -21.71
CA LYS B 290 -14.13 -15.36 -21.63
C LYS B 290 -14.93 -15.40 -22.93
N LYS B 291 -15.32 -14.24 -23.45
CA LYS B 291 -16.13 -14.20 -24.67
C LYS B 291 -15.37 -14.83 -25.84
N LEU B 292 -14.15 -14.35 -26.10
CA LEU B 292 -13.39 -14.81 -27.25
C LEU B 292 -13.05 -16.29 -27.14
N LEU B 293 -12.62 -16.74 -25.96
CA LEU B 293 -12.25 -18.15 -25.80
C LEU B 293 -13.45 -19.08 -25.96
N SER B 294 -14.64 -18.62 -25.57
CA SER B 294 -15.86 -19.41 -25.70
C SER B 294 -16.39 -19.43 -27.13
N GLU B 295 -16.06 -18.42 -27.95
CA GLU B 295 -16.63 -18.25 -29.26
C GLU B 295 -15.65 -18.56 -30.39
N HIS B 296 -14.41 -18.93 -30.06
CA HIS B 296 -13.38 -19.08 -31.08
C HIS B 296 -12.46 -20.24 -30.78
N LYS B 297 -11.89 -20.77 -31.86
CA LYS B 297 -11.01 -21.92 -31.88
C LYS B 297 -9.57 -21.44 -31.73
N PHE B 298 -8.88 -21.86 -30.68
CA PHE B 298 -7.47 -21.50 -30.52
C PHE B 298 -6.68 -22.80 -30.41
N PRO B 299 -6.49 -23.49 -31.54
CA PRO B 299 -5.87 -24.83 -31.50
C PRO B 299 -4.44 -24.84 -30.99
N TRP B 300 -3.72 -23.73 -31.11
CA TRP B 300 -2.32 -23.68 -30.72
C TRP B 300 -2.10 -22.99 -29.38
N ILE B 301 -3.16 -22.67 -28.66
CA ILE B 301 -3.07 -22.18 -27.29
C ILE B 301 -3.61 -23.30 -26.41
N ALA B 302 -2.70 -24.03 -25.77
CA ALA B 302 -3.10 -25.07 -24.83
C ALA B 302 -3.77 -24.46 -23.60
N LYS B 303 -3.02 -23.67 -22.84
CA LYS B 303 -3.48 -23.15 -21.56
C LYS B 303 -3.22 -21.66 -21.50
N ILE B 304 -4.02 -20.97 -20.69
CA ILE B 304 -3.77 -19.60 -20.32
C ILE B 304 -3.81 -19.52 -18.80
N GLU B 305 -2.66 -19.22 -18.21
CA GLU B 305 -2.51 -19.01 -16.78
C GLU B 305 -2.58 -17.52 -16.51
N PHE B 306 -3.50 -17.11 -15.63
CA PHE B 306 -3.65 -15.73 -15.21
C PHE B 306 -2.95 -15.54 -13.88
N PRO B 307 -1.84 -14.81 -13.82
CA PRO B 307 -1.19 -14.51 -12.54
C PRO B 307 -1.99 -13.42 -11.77
N ILE B 308 -2.59 -13.82 -10.65
CA ILE B 308 -3.48 -12.93 -9.90
C ILE B 308 -3.13 -13.05 -8.42
N PHE B 309 -2.68 -11.95 -7.82
CA PHE B 309 -2.16 -11.99 -6.47
C PHE B 309 -3.05 -11.30 -5.46
N ASN B 310 -4.06 -10.57 -5.90
CA ASN B 310 -4.88 -9.78 -5.00
C ASN B 310 -6.18 -10.52 -4.79
N GLU B 311 -6.57 -10.67 -3.52
CA GLU B 311 -7.69 -11.54 -3.16
C GLU B 311 -8.98 -11.14 -3.87
N ILE B 312 -9.21 -9.83 -4.02
CA ILE B 312 -10.41 -9.34 -4.72
C ILE B 312 -10.43 -9.84 -6.16
N GLN B 313 -9.35 -9.60 -6.89
CA GLN B 313 -9.29 -10.03 -8.29
C GLN B 313 -9.37 -11.54 -8.42
N GLN B 314 -8.86 -12.29 -7.44
CA GLN B 314 -8.92 -13.75 -7.52
C GLN B 314 -10.35 -14.26 -7.55
N GLU B 315 -11.21 -13.68 -6.73
CA GLU B 315 -12.58 -14.15 -6.72
C GLU B 315 -13.34 -13.62 -7.92
N GLN B 316 -12.95 -12.43 -8.35
CA GLN B 316 -13.44 -11.89 -9.61
C GLN B 316 -13.19 -12.89 -10.72
N PHE B 317 -11.97 -13.42 -10.79
CA PHE B 317 -11.68 -14.47 -11.76
C PHE B 317 -12.60 -15.67 -11.55
N ASP B 318 -12.69 -16.15 -10.30
CA ASP B 318 -13.48 -17.35 -10.01
C ASP B 318 -14.95 -17.15 -10.35
N SER B 319 -15.49 -15.96 -10.10
CA SER B 319 -16.86 -15.67 -10.50
C SER B 319 -17.04 -15.79 -12.01
N ILE B 320 -16.19 -15.10 -12.77
CA ILE B 320 -16.37 -14.97 -14.22
C ILE B 320 -16.12 -16.29 -14.95
N PHE B 321 -15.31 -17.19 -14.37
CA PHE B 321 -14.94 -18.42 -15.05
C PHE B 321 -15.58 -19.67 -14.43
N GLU B 322 -16.36 -19.51 -13.36
CA GLU B 322 -17.28 -20.55 -12.87
C GLU B 322 -18.04 -21.14 -14.05
N ASP B 323 -18.45 -20.25 -14.95
CA ASP B 323 -19.35 -20.43 -16.07
C ASP B 323 -18.71 -20.97 -17.35
N TYR B 324 -17.39 -21.11 -17.40
CA TYR B 324 -16.66 -21.17 -18.66
C TYR B 324 -16.48 -22.61 -19.15
N ASP B 325 -16.91 -22.86 -20.40
CA ASP B 325 -16.75 -24.18 -21.03
C ASP B 325 -16.18 -24.10 -22.44
N GLY B 326 -15.39 -23.06 -22.73
CA GLY B 326 -14.65 -23.00 -23.97
C GLY B 326 -13.62 -24.10 -24.08
N PRO B 327 -13.12 -24.35 -25.28
CA PRO B 327 -12.11 -25.42 -25.43
C PRO B 327 -10.81 -25.10 -24.73
N THR B 328 -10.33 -23.86 -24.86
CA THR B 328 -9.04 -23.45 -24.32
C THR B 328 -9.04 -23.47 -22.79
N LYS B 329 -8.11 -24.23 -22.22
CA LYS B 329 -8.03 -24.38 -20.77
C LYS B 329 -7.59 -23.06 -20.11
N VAL B 330 -8.25 -22.71 -19.01
CA VAL B 330 -8.00 -21.46 -18.31
C VAL B 330 -7.87 -21.71 -16.81
N TYR B 331 -6.94 -21.02 -16.17
CA TYR B 331 -6.71 -21.19 -14.73
C TYR B 331 -5.88 -20.03 -14.21
N ARG B 332 -5.88 -19.88 -12.89
CA ARG B 332 -5.15 -18.80 -12.26
C ARG B 332 -4.06 -19.36 -11.34
N SER B 333 -3.06 -18.53 -11.09
CA SER B 333 -1.90 -18.95 -10.31
C SER B 333 -1.38 -17.74 -9.54
N THR B 334 -0.39 -17.98 -8.70
CA THR B 334 0.34 -16.88 -8.09
C THR B 334 1.82 -16.99 -8.43
N ARG B 335 2.10 -17.44 -9.65
CA ARG B 335 3.44 -17.70 -10.15
C ARG B 335 3.94 -16.52 -10.99
N ASP B 336 5.25 -16.27 -10.90
CA ASP B 336 5.89 -15.19 -11.66
C ASP B 336 5.64 -15.34 -13.14
N VAL B 337 5.38 -14.22 -13.80
CA VAL B 337 5.10 -14.21 -15.24
C VAL B 337 6.12 -15.06 -16.01
N LEU B 338 7.42 -14.90 -15.69
CA LEU B 338 8.50 -15.52 -16.45
C LEU B 338 8.91 -16.91 -15.95
N GLU B 339 8.40 -17.37 -14.82
CA GLU B 339 8.82 -18.65 -14.27
C GLU B 339 8.07 -19.81 -14.93
N PHE B 340 8.81 -20.70 -15.59
CA PHE B 340 8.30 -21.96 -16.08
C PHE B 340 9.15 -23.07 -15.49
N ARG B 341 8.62 -24.29 -15.50
CA ARG B 341 9.48 -25.43 -15.17
C ARG B 341 9.83 -26.20 -16.45
N GLU B 342 10.95 -26.94 -16.38
CA GLU B 342 11.48 -27.66 -17.56
C GLU B 342 10.37 -28.39 -18.29
N GLU B 343 9.67 -29.23 -17.55
CA GLU B 343 8.40 -29.89 -17.84
C GLU B 343 7.50 -29.20 -18.84
N GLU B 344 7.19 -27.91 -18.57
CA GLU B 344 6.30 -27.16 -19.42
C GLU B 344 6.98 -26.74 -20.72
N ILE B 345 8.29 -26.50 -20.68
CA ILE B 345 8.99 -26.01 -21.86
C ILE B 345 9.15 -27.09 -22.93
N GLU B 346 9.16 -28.37 -22.54
CA GLU B 346 9.12 -29.43 -23.55
C GLU B 346 7.74 -29.53 -24.19
N LYS B 347 6.70 -29.54 -23.36
CA LYS B 347 5.34 -29.74 -23.87
C LYS B 347 4.87 -28.55 -24.69
N TYR B 348 5.11 -27.34 -24.20
CA TYR B 348 4.43 -26.16 -24.73
C TYR B 348 5.42 -25.12 -25.21
N LEU B 349 4.93 -24.31 -26.13
CA LEU B 349 5.55 -23.02 -26.40
C LEU B 349 5.32 -22.13 -25.20
N PRO B 350 6.36 -21.70 -24.49
CA PRO B 350 6.16 -20.72 -23.40
C PRO B 350 5.80 -19.36 -23.95
N ALA B 351 4.71 -18.78 -23.45
CA ALA B 351 4.27 -17.48 -23.91
C ALA B 351 3.92 -16.59 -22.71
N ALA B 352 4.21 -15.29 -22.85
CA ALA B 352 3.98 -14.36 -21.75
C ALA B 352 3.66 -12.99 -22.31
N ILE B 353 2.80 -12.26 -21.58
CA ILE B 353 2.48 -10.89 -21.93
C ILE B 353 3.47 -9.96 -21.24
N ASN B 354 4.10 -9.08 -22.03
CA ASN B 354 4.82 -7.94 -21.49
C ASN B 354 3.84 -6.77 -21.43
N PRO B 355 3.37 -6.36 -20.23
CA PRO B 355 2.54 -5.14 -20.14
C PRO B 355 3.43 -3.93 -20.38
N SER B 356 3.33 -3.35 -21.56
CA SER B 356 4.35 -2.44 -22.03
C SER B 356 3.84 -1.00 -22.04
N ASP B 357 4.63 -0.13 -22.68
CA ASP B 357 4.34 1.29 -22.85
C ASP B 357 4.45 1.65 -24.34
N ALA B 358 3.38 2.24 -24.87
CA ALA B 358 3.36 2.66 -26.28
C ALA B 358 4.11 3.96 -26.50
N PHE B 359 4.71 4.53 -25.47
CA PHE B 359 5.41 5.80 -25.63
C PHE B 359 6.77 5.77 -24.95
N ALA B 360 7.29 4.58 -24.68
CA ALA B 360 8.67 4.38 -24.25
C ALA B 360 9.20 3.09 -24.86
N LEU B 361 10.51 2.97 -24.88
CA LEU B 361 11.12 1.80 -25.50
C LEU B 361 10.82 0.56 -24.67
N THR B 362 10.78 -0.57 -25.36
CA THR B 362 10.53 -1.82 -24.67
C THR B 362 11.58 -2.01 -23.58
N GLY B 363 11.14 -2.43 -22.41
CA GLY B 363 11.99 -2.43 -21.25
C GLY B 363 11.76 -1.25 -20.32
N ASN B 364 11.42 -0.07 -20.86
CA ASN B 364 11.20 1.15 -20.07
C ASN B 364 12.32 1.33 -19.03
N GLU B 365 11.96 1.45 -17.74
CA GLU B 365 12.94 1.64 -16.68
C GLU B 365 14.00 0.55 -16.68
N TRP B 366 15.17 0.88 -16.13
CA TRP B 366 16.29 -0.04 -16.05
C TRP B 366 16.45 -0.65 -14.66
N GLY B 367 15.60 -0.27 -13.70
CA GLY B 367 15.52 -0.94 -12.42
C GLY B 367 14.56 -2.11 -12.45
N TYR B 368 14.36 -2.71 -11.27
CA TYR B 368 13.26 -3.66 -11.09
C TYR B 368 12.02 -2.93 -10.56
N GLY B 369 11.49 -2.00 -11.38
CA GLY B 369 10.42 -1.13 -10.91
C GLY B 369 9.02 -1.41 -11.44
N SER B 370 8.90 -2.38 -12.35
CA SER B 370 7.62 -2.70 -12.97
C SER B 370 7.78 -4.08 -13.61
N VAL B 371 6.65 -4.62 -14.08
CA VAL B 371 6.70 -5.90 -14.77
C VAL B 371 7.53 -5.77 -16.03
N GLU B 372 7.32 -4.71 -16.81
CA GLU B 372 8.14 -4.52 -18.01
C GLU B 372 9.62 -4.43 -17.65
N SER B 373 9.96 -3.61 -16.64
CA SER B 373 11.35 -3.48 -16.21
C SER B 373 11.96 -4.82 -15.84
N MET B 374 11.22 -5.62 -15.07
CA MET B 374 11.70 -6.95 -14.71
C MET B 374 11.97 -7.80 -15.96
N ILE B 375 11.01 -7.86 -16.88
CA ILE B 375 11.28 -8.55 -18.14
C ILE B 375 12.45 -7.91 -18.86
N GLY B 376 12.51 -6.58 -18.89
CA GLY B 376 13.63 -5.85 -19.43
C GLY B 376 15.00 -6.21 -18.86
N ASN B 377 15.04 -6.79 -17.66
CA ASN B 377 16.30 -7.20 -17.05
C ASN B 377 16.51 -8.70 -16.97
N ASN B 378 15.44 -9.50 -17.08
CA ASN B 378 15.60 -10.94 -17.06
C ASN B 378 15.61 -11.55 -18.45
N SER B 379 15.53 -10.74 -19.51
CA SER B 379 15.46 -11.31 -20.84
C SER B 379 16.21 -10.44 -21.84
N SER B 380 16.35 -10.99 -23.04
CA SER B 380 17.02 -10.32 -24.14
C SER B 380 16.11 -9.38 -24.85
N ILE B 381 15.00 -9.00 -24.21
CA ILE B 381 13.96 -8.27 -24.90
C ILE B 381 14.46 -6.90 -25.35
N ARG B 382 15.33 -6.28 -24.56
CA ARG B 382 15.88 -4.98 -24.97
C ARG B 382 16.74 -5.10 -26.23
N PHE B 383 17.26 -6.29 -26.55
CA PHE B 383 17.95 -6.51 -27.83
C PHE B 383 17.00 -6.90 -28.95
N ASP B 384 15.92 -7.63 -28.63
CA ASP B 384 15.04 -8.20 -29.65
C ASP B 384 13.98 -7.22 -30.12
N GLN B 385 13.53 -6.30 -29.24
CA GLN B 385 12.36 -5.48 -29.49
C GLN B 385 12.66 -3.98 -29.47
N VAL B 386 13.93 -3.59 -29.56
CA VAL B 386 14.32 -2.19 -29.62
C VAL B 386 15.06 -1.94 -30.94
N HIS B 387 14.56 -1.00 -31.74
CA HIS B 387 15.12 -0.78 -33.07
C HIS B 387 16.60 -0.43 -33.04
N HIS B 388 17.05 0.31 -32.02
CA HIS B 388 18.48 0.61 -31.88
C HIS B 388 19.35 -0.64 -31.88
N MET B 389 18.84 -1.77 -31.40
CA MET B 389 19.61 -2.99 -31.37
C MET B 389 19.20 -3.98 -32.45
N ASN B 390 17.94 -3.96 -32.88
CA ASN B 390 17.41 -4.90 -33.85
C ASN B 390 16.64 -4.11 -34.90
N PRO B 391 17.29 -3.69 -35.99
CA PRO B 391 16.58 -2.93 -37.03
C PRO B 391 15.55 -3.75 -37.79
N LEU B 392 15.56 -5.08 -37.62
CA LEU B 392 14.57 -5.93 -38.26
C LEU B 392 13.14 -5.54 -37.87
N ILE B 393 12.97 -4.93 -36.69
CA ILE B 393 11.64 -4.55 -36.21
C ILE B 393 10.99 -3.52 -37.12
N LEU B 394 11.78 -2.74 -37.85
CA LEU B 394 11.23 -1.79 -38.79
C LEU B 394 11.16 -2.35 -40.21
N ASP B 395 11.64 -3.59 -40.41
CA ASP B 395 11.55 -4.26 -41.71
C ASP B 395 10.12 -4.75 -41.96
N PRO B 396 9.49 -4.38 -43.08
CA PRO B 396 8.11 -4.84 -43.35
C PRO B 396 7.98 -6.35 -43.45
N SER B 397 9.07 -7.05 -43.78
CA SER B 397 9.08 -8.51 -43.78
C SER B 397 8.62 -9.09 -42.44
N HIS B 398 9.01 -8.47 -41.34
CA HIS B 398 8.65 -8.94 -40.00
C HIS B 398 7.32 -8.40 -39.49
N HIS B 399 6.53 -7.74 -40.33
CA HIS B 399 5.24 -7.24 -39.90
C HIS B 399 4.13 -8.18 -40.35
N VAL B 400 3.06 -8.22 -39.54
CA VAL B 400 1.85 -9.01 -39.79
C VAL B 400 0.67 -8.08 -39.61
N GLU B 401 -0.07 -7.81 -40.68
CA GLU B 401 -1.24 -6.95 -40.59
C GLU B 401 -2.46 -7.79 -40.22
N ALA B 402 -3.34 -7.20 -39.39
CA ALA B 402 -4.43 -7.93 -38.72
C ALA B 402 -5.81 -7.35 -39.04
N GLN B 403 -6.77 -8.26 -39.27
CA GLN B 403 -8.19 -7.94 -39.45
C GLN B 403 -9.00 -8.42 -38.26
N ILE B 404 -9.76 -7.51 -37.67
CA ILE B 404 -10.69 -7.88 -36.61
C ILE B 404 -12.08 -7.73 -37.23
N ASN B 405 -12.77 -8.86 -37.39
CA ASN B 405 -14.08 -8.87 -38.02
C ASN B 405 -15.10 -8.26 -37.05
N LYS B 406 -16.35 -8.27 -37.48
CA LYS B 406 -17.40 -7.86 -36.55
C LYS B 406 -17.64 -8.94 -35.50
N ASP B 407 -17.39 -10.21 -35.84
CA ASP B 407 -17.38 -11.29 -34.87
C ASP B 407 -16.07 -11.41 -34.10
N HIS B 408 -15.13 -10.49 -34.32
CA HIS B 408 -13.82 -10.45 -33.64
C HIS B 408 -12.91 -11.62 -34.01
N GLY B 409 -13.17 -12.31 -35.12
CA GLY B 409 -12.16 -13.21 -35.65
C GLY B 409 -11.05 -12.38 -36.28
N VAL B 410 -9.85 -12.95 -36.32
CA VAL B 410 -8.68 -12.18 -36.74
C VAL B 410 -8.03 -12.87 -37.92
N GLU B 411 -7.91 -12.15 -39.05
CA GLU B 411 -7.28 -12.67 -40.28
C GLU B 411 -5.90 -12.00 -40.35
N LEU B 412 -4.83 -12.79 -40.36
CA LEU B 412 -3.48 -12.25 -40.37
C LEU B 412 -2.89 -12.38 -41.77
N THR B 413 -2.37 -11.27 -42.30
CA THR B 413 -1.79 -11.25 -43.64
C THR B 413 -0.30 -10.97 -43.44
N VAL B 414 0.50 -12.02 -43.62
CA VAL B 414 1.92 -12.06 -43.28
C VAL B 414 2.83 -11.34 -44.28
N ASN B 415 2.46 -10.13 -44.68
CA ASN B 415 3.28 -9.35 -45.61
C ASN B 415 3.80 -8.08 -44.93
N1 AR6 C . -5.85 10.96 12.49
C2 AR6 C . -5.35 11.29 13.72
N3 AR6 C . -6.00 10.85 14.85
C4 AR6 C . -7.11 10.09 14.77
C5 AR6 C . -7.60 9.77 13.55
C6 AR6 C . -6.95 10.21 12.41
N6 AR6 C . -7.21 10.04 11.03
N7 AR6 C . -8.71 9.02 13.71
C8 AR6 C . -8.90 8.89 15.02
N9 AR6 C . -7.91 9.56 15.69
PA AR6 C . -7.19 4.21 17.93
PB AR6 C . -5.91 3.32 20.39
C1' AR6 C . -7.74 9.64 17.11
O1A AR6 C . -7.03 3.70 16.53
O1B AR6 C . -7.09 3.81 21.30
C1D AR6 C . -5.43 -0.54 16.95
O1D AR6 C . -6.00 -1.53 16.41
C2' AR6 C . -8.90 9.47 17.75
O2' AR6 C . -9.06 10.55 18.76
O2A AR6 C . -8.45 3.75 18.50
O2B AR6 C . -4.60 3.71 20.96
C2D AR6 C . -4.06 -0.95 17.49
O2D AR6 C . -3.52 -1.98 16.62
C3' AR6 C . -8.81 8.08 18.42
O3' AR6 C . -9.59 7.99 19.50
O3A AR6 C . -5.90 3.94 18.85
C3D AR6 C . -4.32 -1.36 18.76
O3D AR6 C . -4.86 -2.63 18.74
C4' AR6 C . -7.27 8.05 18.81
O4' AR6 C . -6.74 8.46 17.70
C4D AR6 C . -5.51 -0.35 19.27
O4D AR6 C . -6.25 -0.04 18.24
C5' AR6 C . -6.92 6.58 19.10
O5' AR6 C . -7.20 5.87 17.86
C5D AR6 C . -4.96 0.89 19.89
O5D AR6 C . -6.07 1.66 20.32
N1 AR6 D . 4.24 -11.61 -12.47
C2 AR6 D . 3.00 -11.50 -13.04
N3 AR6 D . 2.25 -10.37 -12.79
C4 AR6 D . 2.73 -9.38 -12.00
C5 AR6 D . 3.96 -9.50 -11.45
C6 AR6 D . 4.72 -10.64 -11.70
N6 AR6 D . 6.01 -11.01 -11.28
N7 AR6 D . 4.21 -8.41 -10.72
C8 AR6 D . 3.14 -7.60 -10.80
N9 AR6 D . 2.22 -8.20 -11.60
PA AR6 D . 2.43 -3.19 -14.29
PB AR6 D . 0.67 -1.84 -16.23
C1' AR6 D . 0.94 -7.70 -11.94
O1A AR6 D . 2.09 -2.12 -13.28
O1B AR6 D . -0.49 -1.62 -15.16
C1D AR6 D . 5.65 0.02 -16.81
O1D AR6 D . 6.17 1.12 -16.46
C2' AR6 D . 0.55 -6.77 -11.06
O2' AR6 D . -0.34 -7.39 -10.04
O2A AR6 D . 3.88 -3.30 -14.52
O2B AR6 D . 0.14 -2.30 -17.51
C2D AR6 D . 5.36 -0.09 -18.33
O2D AR6 D . 6.52 0.18 -19.14
C3' AR6 D . -0.31 -5.81 -11.89
O3' AR6 D . -1.61 -6.11 -11.73
O3A AR6 D . 1.79 -2.93 -15.77
C3D AR6 D . 4.34 0.80 -18.50
O3D AR6 D . 4.71 2.13 -18.54
C4' AR6 D . 0.04 -6.12 -13.39
O4' AR6 D . 1.06 -6.90 -13.38
C4D AR6 D . 3.40 0.62 -17.17
O4D AR6 D . 4.15 0.01 -16.25
C5' AR6 D . 0.43 -4.82 -14.10
O5' AR6 D . 1.83 -4.64 -13.82
C5D AR6 D . 2.29 -0.27 -17.53
O5D AR6 D . 1.47 -0.41 -16.39
#